data_7TLU
# 
_entry.id   7TLU 
# 
_audit_conform.dict_name       mmcif_pdbx.dic 
_audit_conform.dict_version    5.396 
_audit_conform.dict_location   http://mmcif.pdb.org/dictionaries/ascii/mmcif_pdbx.dic 
# 
loop_
_database_2.database_id 
_database_2.database_code 
_database_2.pdbx_database_accession 
_database_2.pdbx_DOI 
PDB   7TLU         pdb_00007tlu 10.2210/pdb7tlu/pdb 
WWPDB D_1000262531 ?            ?                   
# 
loop_
_pdbx_audit_revision_history.ordinal 
_pdbx_audit_revision_history.data_content_type 
_pdbx_audit_revision_history.major_revision 
_pdbx_audit_revision_history.minor_revision 
_pdbx_audit_revision_history.revision_date 
1 'Structure model' 1 0 2022-04-20 
2 'Structure model' 1 1 2022-04-27 
3 'Structure model' 1 2 2023-10-18 
4 'Structure model' 1 3 2023-11-15 
5 'Structure model' 2 0 2024-09-25 
# 
_pdbx_audit_revision_details.ordinal             1 
_pdbx_audit_revision_details.revision_ordinal    1 
_pdbx_audit_revision_details.data_content_type   'Structure model' 
_pdbx_audit_revision_details.provider            repository 
_pdbx_audit_revision_details.type                'Initial release' 
_pdbx_audit_revision_details.description         ? 
_pdbx_audit_revision_details.details             ? 
# 
loop_
_pdbx_audit_revision_group.ordinal 
_pdbx_audit_revision_group.revision_ordinal 
_pdbx_audit_revision_group.data_content_type 
_pdbx_audit_revision_group.group 
1  2 'Structure model' 'Database references'    
2  3 'Structure model' 'Data collection'        
3  3 'Structure model' 'Refinement description' 
4  4 'Structure model' 'Data collection'        
5  5 'Structure model' Advisory                 
6  5 'Structure model' 'Atomic model'           
7  5 'Structure model' 'Data collection'        
8  5 'Structure model' 'Database references'    
9  5 'Structure model' 'Derived calculations'   
10 5 'Structure model' 'Polymer sequence'       
11 5 'Structure model' 'Source and taxonomy'    
12 5 'Structure model' 'Structure summary'      
# 
loop_
_pdbx_audit_revision_category.ordinal 
_pdbx_audit_revision_category.revision_ordinal 
_pdbx_audit_revision_category.data_content_type 
_pdbx_audit_revision_category.category 
1  2 'Structure model' citation                      
2  3 'Structure model' chem_comp_atom                
3  3 'Structure model' chem_comp_bond                
4  3 'Structure model' pdbx_initial_refinement_model 
5  4 'Structure model' chem_comp_atom                
6  4 'Structure model' chem_comp_bond                
7  5 'Structure model' atom_site                     
8  5 'Structure model' atom_site_anisotrop           
9  5 'Structure model' entity                        
10 5 'Structure model' entity_poly                   
11 5 'Structure model' entity_poly_seq               
12 5 'Structure model' pdbx_distant_solvent_atoms    
13 5 'Structure model' pdbx_entity_nonpoly           
14 5 'Structure model' pdbx_entity_src_syn           
15 5 'Structure model' pdbx_nonpoly_scheme           
16 5 'Structure model' pdbx_poly_seq_scheme          
17 5 'Structure model' pdbx_struct_assembly_gen      
18 5 'Structure model' pdbx_validate_close_contact   
19 5 'Structure model' pdbx_validate_symm_contact    
20 5 'Structure model' struct_asym                   
21 5 'Structure model' struct_conf                   
22 5 'Structure model' struct_conn                   
23 5 'Structure model' struct_ref_seq                
# 
loop_
_pdbx_audit_revision_item.ordinal 
_pdbx_audit_revision_item.revision_ordinal 
_pdbx_audit_revision_item.data_content_type 
_pdbx_audit_revision_item.item 
1  2 'Structure model' '_citation.journal_volume'                                    
2  2 'Structure model' '_citation.page_first'                                        
3  2 'Structure model' '_citation.page_last'                                         
4  4 'Structure model' '_chem_comp_atom.atom_id'                                     
5  4 'Structure model' '_chem_comp_bond.atom_id_2'                                   
6  5 'Structure model' '_atom_site.B_iso_or_equiv'                                   
7  5 'Structure model' '_atom_site.Cartn_x'                                          
8  5 'Structure model' '_atom_site.Cartn_y'                                          
9  5 'Structure model' '_atom_site.Cartn_z'                                          
10 5 'Structure model' '_atom_site.auth_atom_id'                                     
11 5 'Structure model' '_atom_site.auth_comp_id'                                     
12 5 'Structure model' '_atom_site.auth_seq_id'                                      
13 5 'Structure model' '_atom_site.group_PDB'                                        
14 5 'Structure model' '_atom_site.label_alt_id'                                     
15 5 'Structure model' '_atom_site.label_asym_id'                                    
16 5 'Structure model' '_atom_site.label_atom_id'                                    
17 5 'Structure model' '_atom_site.label_comp_id'                                    
18 5 'Structure model' '_atom_site.label_entity_id'                                  
19 5 'Structure model' '_atom_site.label_seq_id'                                     
20 5 'Structure model' '_atom_site.occupancy'                                        
21 5 'Structure model' '_atom_site.type_symbol'                                      
22 5 'Structure model' '_atom_site_anisotrop.U[1][1]'                                
23 5 'Structure model' '_atom_site_anisotrop.U[1][2]'                                
24 5 'Structure model' '_atom_site_anisotrop.U[1][3]'                                
25 5 'Structure model' '_atom_site_anisotrop.U[2][2]'                                
26 5 'Structure model' '_atom_site_anisotrop.U[2][3]'                                
27 5 'Structure model' '_atom_site_anisotrop.U[3][3]'                                
28 5 'Structure model' '_atom_site_anisotrop.id'                                     
29 5 'Structure model' '_atom_site_anisotrop.pdbx_auth_atom_id'                      
30 5 'Structure model' '_atom_site_anisotrop.pdbx_auth_comp_id'                      
31 5 'Structure model' '_atom_site_anisotrop.pdbx_auth_seq_id'                       
32 5 'Structure model' '_atom_site_anisotrop.pdbx_label_alt_id'                      
33 5 'Structure model' '_atom_site_anisotrop.pdbx_label_asym_id'                     
34 5 'Structure model' '_atom_site_anisotrop.pdbx_label_atom_id'                     
35 5 'Structure model' '_atom_site_anisotrop.pdbx_label_comp_id'                     
36 5 'Structure model' '_atom_site_anisotrop.pdbx_label_seq_id'                      
37 5 'Structure model' '_atom_site_anisotrop.type_symbol'                            
38 5 'Structure model' '_entity_poly.pdbx_seq_one_letter_code'                       
39 5 'Structure model' '_entity_poly.pdbx_seq_one_letter_code_can'                   
40 5 'Structure model' '_pdbx_distant_solvent_atoms.auth_seq_id'                     
41 5 'Structure model' '_pdbx_distant_solvent_atoms.neighbor_ligand_distance'        
42 5 'Structure model' '_pdbx_distant_solvent_atoms.neighbor_macromolecule_distance' 
43 5 'Structure model' '_pdbx_entity_src_syn.pdbx_end_seq_num'                       
44 5 'Structure model' '_pdbx_struct_assembly_gen.asym_id_list'                      
45 5 'Structure model' '_pdbx_validate_symm_contact.auth_seq_id_1'                   
46 5 'Structure model' '_pdbx_validate_symm_contact.auth_seq_id_2'                   
47 5 'Structure model' '_struct_conf.beg_label_seq_id'                               
48 5 'Structure model' '_struct_conf.end_label_seq_id'                               
49 5 'Structure model' '_struct_conn.pdbx_dist_value'                                
50 5 'Structure model' '_struct_conn.pdbx_leaving_atom_flag'                         
51 5 'Structure model' '_struct_conn.pdbx_ptnr1_label_alt_id'                        
52 5 'Structure model' '_struct_conn.pdbx_ptnr2_label_alt_id'                        
53 5 'Structure model' '_struct_conn.ptnr1_auth_comp_id'                             
54 5 'Structure model' '_struct_conn.ptnr1_auth_seq_id'                              
55 5 'Structure model' '_struct_conn.ptnr1_label_atom_id'                            
56 5 'Structure model' '_struct_conn.ptnr1_label_comp_id'                            
57 5 'Structure model' '_struct_conn.ptnr1_label_seq_id'                             
58 5 'Structure model' '_struct_conn.ptnr2_auth_comp_id'                             
59 5 'Structure model' '_struct_conn.ptnr2_auth_seq_id'                              
60 5 'Structure model' '_struct_conn.ptnr2_label_asym_id'                            
61 5 'Structure model' '_struct_conn.ptnr2_label_atom_id'                            
62 5 'Structure model' '_struct_conn.ptnr2_label_comp_id'                            
63 5 'Structure model' '_struct_conn.ptnr2_label_seq_id'                             
64 5 'Structure model' '_struct_ref_seq.seq_align_beg'                               
65 5 'Structure model' '_struct_ref_seq.seq_align_end'                               
# 
_pdbx_database_status.status_code                     REL 
_pdbx_database_status.status_code_sf                  REL 
_pdbx_database_status.status_code_mr                  ? 
_pdbx_database_status.entry_id                        7TLU 
_pdbx_database_status.recvd_initial_deposition_date   2022-01-18 
_pdbx_database_status.SG_entry                        N 
_pdbx_database_status.deposit_site                    RCSB 
_pdbx_database_status.process_site                    RCSB 
_pdbx_database_status.status_code_cs                  ? 
_pdbx_database_status.status_code_nmr_data            ? 
_pdbx_database_status.methods_development_category    ? 
_pdbx_database_status.pdb_format_compatible           Y 
# 
_pdbx_contact_author.id                 2 
_pdbx_contact_author.email              andyn@uic.edu 
_pdbx_contact_author.name_first         Andy 
_pdbx_contact_author.name_last          Nguyen 
_pdbx_contact_author.name_mi            I 
_pdbx_contact_author.role               'principal investigator/group leader' 
_pdbx_contact_author.identifier_ORCID   0000-0003-4137-6453 
# 
_audit_author.name               'Nguyen, A.I.' 
_audit_author.pdbx_ordinal       1 
_audit_author.identifier_ORCID   0000-0003-4137-6453 
# 
_citation.abstract                  ? 
_citation.abstract_id_CAS           ? 
_citation.book_id_ISBN              ? 
_citation.book_publisher            ? 
_citation.book_publisher_city       ? 
_citation.book_title                ? 
_citation.coordinate_linkage        ? 
_citation.country                   US 
_citation.database_id_Medline       ? 
_citation.details                   ? 
_citation.id                        primary 
_citation.journal_abbrev            J.Am.Chem.Soc. 
_citation.journal_id_ASTM           JACSAT 
_citation.journal_id_CSD            ? 
_citation.journal_id_ISSN           1520-5126 
_citation.journal_full              ? 
_citation.journal_issue             ? 
_citation.journal_volume            144 
_citation.language                  ? 
_citation.page_first                7001 
_citation.page_last                 7009 
_citation.title                     
'Assembly of pi-Stacking Helical Peptides into a Porous and Multivariable Proteomimetic Framework.' 
_citation.year                      2022 
_citation.database_id_CSD           ? 
_citation.pdbx_database_id_DOI      10.1021/jacs.2c02146 
_citation.pdbx_database_id_PubMed   35390261 
_citation.pdbx_database_id_patent   ? 
_citation.unpublished_flag          ? 
# 
loop_
_citation_author.citation_id 
_citation_author.name 
_citation_author.ordinal 
_citation_author.identifier_ORCID 
primary 'Heinz-Kunert, S.L.' 1 ?                   
primary 'Pandya, A.'         2 0000-0003-3303-1009 
primary 'Dang, V.T.'         3 ?                   
primary 'Tran, P.N.'         4 ?                   
primary 'Ghosh, S.'          5 ?                   
primary 'McElheny, D.'       6 ?                   
primary 'Santarsiero, B.D.'  7 0000-0002-9032-9699 
primary 'Ren, Z.'            8 0000-0001-7098-3127 
primary 'Nguyen, A.I.'       9 0000-0003-4137-6453 
# 
loop_
_entity.id 
_entity.type 
_entity.src_method 
_entity.pdbx_description 
_entity.formula_weight 
_entity.pdbx_number_of_molecules 
_entity.pdbx_ec 
_entity.pdbx_mutation 
_entity.pdbx_fragment 
_entity.details 
1 polymer     syn 'bipyridyl-conjugated helical peptide' 1390.589 1  ? ? ? ? 
2 non-polymer syn ACETONITRILE                           41.052   2  ? ? ? ? 
3 water       nat water                                  18.015   10 ? ? ? ? 
# 
_entity_poly.entity_id                      1 
_entity_poly.type                           'polypeptide(L)' 
_entity_poly.nstd_linkage                   no 
_entity_poly.nstd_monomer                   yes 
_entity_poly.pdbx_seq_one_letter_code       '(I6W)L(AIB)S(AIB)L(AIB)Q(AIB)L(I77)' 
_entity_poly.pdbx_seq_one_letter_code_can   XLASALAQALX 
_entity_poly.pdbx_strand_id                 A 
_entity_poly.pdbx_target_identifier         ? 
# 
loop_
_pdbx_entity_nonpoly.entity_id 
_pdbx_entity_nonpoly.name 
_pdbx_entity_nonpoly.comp_id 
2 ACETONITRILE CCN 
3 water        HOH 
# 
loop_
_entity_poly_seq.entity_id 
_entity_poly_seq.num 
_entity_poly_seq.mon_id 
_entity_poly_seq.hetero 
1 1  I6W n 
1 2  LEU n 
1 3  AIB n 
1 4  SER n 
1 5  AIB n 
1 6  LEU n 
1 7  AIB n 
1 8  GLN n 
1 9  AIB n 
1 10 LEU n 
1 11 I77 n 
# 
_pdbx_entity_src_syn.entity_id              1 
_pdbx_entity_src_syn.pdbx_src_id            1 
_pdbx_entity_src_syn.pdbx_alt_source_flag   sample 
_pdbx_entity_src_syn.pdbx_beg_seq_num       1 
_pdbx_entity_src_syn.pdbx_end_seq_num       11 
_pdbx_entity_src_syn.organism_scientific    'synthetic construct' 
_pdbx_entity_src_syn.organism_common_name   ? 
_pdbx_entity_src_syn.ncbi_taxonomy_id       32630 
_pdbx_entity_src_syn.details                ? 
# 
loop_
_chem_comp.id 
_chem_comp.type 
_chem_comp.mon_nstd_flag 
_chem_comp.name 
_chem_comp.pdbx_synonyms 
_chem_comp.formula 
_chem_comp.formula_weight 
AIB 'L-peptide linking' n 'ALPHA-AMINOISOBUTYRIC ACID'                            ? 'C4 H9 N O2'    103.120 
CCN non-polymer         . ACETONITRILE                                            ? 'C2 H3 N'       41.052  
GLN 'L-peptide linking' y GLUTAMINE                                               ? 'C5 H10 N2 O3'  146.144 
HOH non-polymer         . WATER                                                   ? 'H2 O'          18.015  
I6W non-polymer         . 
;ethyl 5'-formyl[2,2'-bipyridine]-5-carboxylate
;
? 'C14 H12 N2 O3' 256.257 
I77 non-polymer         . "5'-(hydrazinecarbonyl)[2,2'-bipyridine]-5-carboxamide" ? 'C12 H11 N5 O2' 257.248 
LEU 'L-peptide linking' y LEUCINE                                                 ? 'C6 H13 N O2'   131.173 
SER 'L-peptide linking' y SERINE                                                  ? 'C3 H7 N O3'    105.093 
# 
loop_
_pdbx_poly_seq_scheme.asym_id 
_pdbx_poly_seq_scheme.entity_id 
_pdbx_poly_seq_scheme.seq_id 
_pdbx_poly_seq_scheme.mon_id 
_pdbx_poly_seq_scheme.ndb_seq_num 
_pdbx_poly_seq_scheme.pdb_seq_num 
_pdbx_poly_seq_scheme.auth_seq_num 
_pdbx_poly_seq_scheme.pdb_mon_id 
_pdbx_poly_seq_scheme.auth_mon_id 
_pdbx_poly_seq_scheme.pdb_strand_id 
_pdbx_poly_seq_scheme.pdb_ins_code 
_pdbx_poly_seq_scheme.hetero 
A 1 1  I6W 1  1  1  I6W BPE A . n 
A 1 2  LEU 2  2  2  LEU LEU A . n 
A 1 3  AIB 3  3  3  AIB AIB A . n 
A 1 4  SER 4  4  4  SER SER A . n 
A 1 5  AIB 5  5  5  AIB AIB A . n 
A 1 6  LEU 6  6  6  LEU LEU A . n 
A 1 7  AIB 7  7  7  AIB AIB A . n 
A 1 8  GLN 8  8  8  GLN GLN A . n 
A 1 9  AIB 9  9  9  AIB AIB A . n 
A 1 10 LEU 10 10 10 LEU LEU A . n 
A 1 11 I77 11 11 11 I77 BPH A . n 
# 
loop_
_pdbx_nonpoly_scheme.asym_id 
_pdbx_nonpoly_scheme.entity_id 
_pdbx_nonpoly_scheme.mon_id 
_pdbx_nonpoly_scheme.ndb_seq_num 
_pdbx_nonpoly_scheme.pdb_seq_num 
_pdbx_nonpoly_scheme.auth_seq_num 
_pdbx_nonpoly_scheme.pdb_mon_id 
_pdbx_nonpoly_scheme.auth_mon_id 
_pdbx_nonpoly_scheme.pdb_strand_id 
_pdbx_nonpoly_scheme.pdb_ins_code 
B 2 CCN 1  201 1  CCN ACN A . 
C 2 CCN 1  202 2  CCN ACN A . 
D 3 HOH 1  301 10 HOH HOH A . 
D 3 HOH 2  302 4  HOH HOH A . 
D 3 HOH 3  303 5  HOH HOH A . 
D 3 HOH 4  304 2  HOH HOH A . 
D 3 HOH 5  305 1  HOH HOH A . 
D 3 HOH 6  306 3  HOH HOH A . 
D 3 HOH 7  307 7  HOH HOH A . 
D 3 HOH 8  308 9  HOH HOH A . 
D 3 HOH 9  309 6  HOH HOH A . 
D 3 HOH 10 310 8  HOH HOH A . 
# 
loop_
_software.citation_id 
_software.classification 
_software.compiler_name 
_software.compiler_version 
_software.contact_author 
_software.contact_author_email 
_software.date 
_software.description 
_software.dependencies 
_software.hardware 
_software.language 
_software.location 
_software.mods 
_software.name 
_software.os 
_software.os_version 
_software.type 
_software.version 
_software.pdbx_ordinal 
? refinement       ? ? ? ? ? ? ? ? ? ? ? PHENIX ? ? ? 1.19.2_4158 1 
? 'data reduction' ? ? ? ? ? ? ? ? ? ? ? XDS    ? ? ? .           2 
? 'data scaling'   ? ? ? ? ? ? ? ? ? ? ? XDS    ? ? ? .           3 
? phasing          ? ? ? ? ? ? ? ? ? ? ? PHASER ? ? ? .           4 
# 
_cell.angle_alpha                  90.000 
_cell.angle_alpha_esd              ? 
_cell.angle_beta                   99.348 
_cell.angle_beta_esd               ? 
_cell.angle_gamma                  90.000 
_cell.angle_gamma_esd              ? 
_cell.entry_id                     7TLU 
_cell.details                      ? 
_cell.formula_units_Z              ? 
_cell.length_a                     13.816 
_cell.length_a_esd                 ? 
_cell.length_b                     13.472 
_cell.length_b_esd                 ? 
_cell.length_c                     27.702 
_cell.length_c_esd                 ? 
_cell.volume                       5087.676 
_cell.volume_esd                   ? 
_cell.Z_PDB                        2 
_cell.reciprocal_angle_alpha       ? 
_cell.reciprocal_angle_beta        ? 
_cell.reciprocal_angle_gamma       ? 
_cell.reciprocal_angle_alpha_esd   ? 
_cell.reciprocal_angle_beta_esd    ? 
_cell.reciprocal_angle_gamma_esd   ? 
_cell.reciprocal_length_a          ? 
_cell.reciprocal_length_b          ? 
_cell.reciprocal_length_c          ? 
_cell.reciprocal_length_a_esd      ? 
_cell.reciprocal_length_b_esd      ? 
_cell.reciprocal_length_c_esd      ? 
_cell.pdbx_unique_axis             ? 
# 
_symmetry.entry_id                         7TLU 
_symmetry.cell_setting                     ? 
_symmetry.Int_Tables_number                4 
_symmetry.space_group_name_Hall            'P 2yb' 
_symmetry.space_group_name_H-M             'P 1 21 1' 
_symmetry.pdbx_full_space_group_name_H-M   ? 
# 
_exptl.absorpt_coefficient_mu     ? 
_exptl.absorpt_correction_T_max   ? 
_exptl.absorpt_correction_T_min   ? 
_exptl.absorpt_correction_type    ? 
_exptl.absorpt_process_details    ? 
_exptl.entry_id                   7TLU 
_exptl.crystals_number            1 
_exptl.details                    ? 
_exptl.method                     'X-RAY DIFFRACTION' 
_exptl.method_details             ? 
# 
_exptl_crystal.colour                      ? 
_exptl_crystal.density_diffrn              ? 
_exptl_crystal.density_Matthews            2.79 
_exptl_crystal.density_method              ? 
_exptl_crystal.density_percent_sol         55.85 
_exptl_crystal.description                 ? 
_exptl_crystal.F_000                       ? 
_exptl_crystal.id                          1 
_exptl_crystal.preparation                 ? 
_exptl_crystal.size_max                    ? 
_exptl_crystal.size_mid                    ? 
_exptl_crystal.size_min                    ? 
_exptl_crystal.size_rad                    ? 
_exptl_crystal.colour_lustre               ? 
_exptl_crystal.colour_modifier             ? 
_exptl_crystal.colour_primary              ? 
_exptl_crystal.density_meas                ? 
_exptl_crystal.density_meas_esd            ? 
_exptl_crystal.density_meas_gt             ? 
_exptl_crystal.density_meas_lt             ? 
_exptl_crystal.density_meas_temp           ? 
_exptl_crystal.density_meas_temp_esd       ? 
_exptl_crystal.density_meas_temp_gt        ? 
_exptl_crystal.density_meas_temp_lt        ? 
_exptl_crystal.pdbx_crystal_image_url      ? 
_exptl_crystal.pdbx_crystal_image_format   ? 
_exptl_crystal.pdbx_mosaicity              ? 
_exptl_crystal.pdbx_mosaicity_esd          ? 
# 
_exptl_crystal_grow.apparatus       ? 
_exptl_crystal_grow.atmosphere      ? 
_exptl_crystal_grow.crystal_id      1 
_exptl_crystal_grow.details         ? 
_exptl_crystal_grow.method          'SLOW COOLING' 
_exptl_crystal_grow.method_ref      ? 
_exptl_crystal_grow.pH              ? 
_exptl_crystal_grow.pressure        ? 
_exptl_crystal_grow.pressure_esd    ? 
_exptl_crystal_grow.seeding         ? 
_exptl_crystal_grow.seeding_ref     ? 
_exptl_crystal_grow.temp            298 
_exptl_crystal_grow.temp_details    ? 
_exptl_crystal_grow.temp_esd        ? 
_exptl_crystal_grow.time            ? 
_exptl_crystal_grow.pdbx_details    'water and acetonitrile' 
_exptl_crystal_grow.pdbx_pH_range   ? 
# 
_diffrn.ambient_environment              ? 
_diffrn.ambient_temp                     100 
_diffrn.ambient_temp_details             ? 
_diffrn.ambient_temp_esd                 ? 
_diffrn.crystal_id                       1 
_diffrn.crystal_support                  ? 
_diffrn.crystal_treatment                ? 
_diffrn.details                          ? 
_diffrn.id                               1 
_diffrn.ambient_pressure                 ? 
_diffrn.ambient_pressure_esd             ? 
_diffrn.ambient_pressure_gt              ? 
_diffrn.ambient_pressure_lt              ? 
_diffrn.ambient_temp_gt                  ? 
_diffrn.ambient_temp_lt                  ? 
_diffrn.pdbx_serial_crystal_experiment   N 
# 
_diffrn_detector.details                      ? 
_diffrn_detector.detector                     PIXEL 
_diffrn_detector.diffrn_id                    1 
_diffrn_detector.type                         'DECTRIS EIGER X 9M' 
_diffrn_detector.area_resol_mean              ? 
_diffrn_detector.dtime                        ? 
_diffrn_detector.pdbx_frames_total            ? 
_diffrn_detector.pdbx_collection_time_total   ? 
_diffrn_detector.pdbx_collection_date         2021-09-28 
_diffrn_detector.pdbx_frequency               ? 
# 
_diffrn_radiation.collimation                      ? 
_diffrn_radiation.diffrn_id                        1 
_diffrn_radiation.filter_edge                      ? 
_diffrn_radiation.inhomogeneity                    ? 
_diffrn_radiation.monochromator                    ? 
_diffrn_radiation.polarisn_norm                    ? 
_diffrn_radiation.polarisn_ratio                   ? 
_diffrn_radiation.probe                            ? 
_diffrn_radiation.type                             ? 
_diffrn_radiation.xray_symbol                      ? 
_diffrn_radiation.wavelength_id                    1 
_diffrn_radiation.pdbx_monochromatic_or_laue_m_l   M 
_diffrn_radiation.pdbx_wavelength_list             ? 
_diffrn_radiation.pdbx_wavelength                  ? 
_diffrn_radiation.pdbx_diffrn_protocol             'SINGLE WAVELENGTH' 
_diffrn_radiation.pdbx_analyzer                    ? 
_diffrn_radiation.pdbx_scattering_type             x-ray 
# 
_diffrn_radiation_wavelength.id           1 
_diffrn_radiation_wavelength.wavelength   0.6888 
_diffrn_radiation_wavelength.wt           1.0 
# 
_diffrn_source.current                     ? 
_diffrn_source.details                     ? 
_diffrn_source.diffrn_id                   1 
_diffrn_source.power                       ? 
_diffrn_source.size                        ? 
_diffrn_source.source                      SYNCHROTRON 
_diffrn_source.target                      ? 
_diffrn_source.type                        'APS BEAMLINE 21-ID-D' 
_diffrn_source.voltage                     ? 
_diffrn_source.take-off_angle              ? 
_diffrn_source.pdbx_wavelength_list        0.6888 
_diffrn_source.pdbx_wavelength             ? 
_diffrn_source.pdbx_synchrotron_beamline   21-ID-D 
_diffrn_source.pdbx_synchrotron_site       APS 
# 
_reflns.B_iso_Wilson_estimate                          3.87 
_reflns.entry_id                                       7TLU 
_reflns.data_reduction_details                         ? 
_reflns.data_reduction_method                          ? 
_reflns.d_resolution_high                              0.79 
_reflns.d_resolution_low                               13.63 
_reflns.details                                        ? 
_reflns.limit_h_max                                    ? 
_reflns.limit_h_min                                    ? 
_reflns.limit_k_max                                    ? 
_reflns.limit_k_min                                    ? 
_reflns.limit_l_max                                    ? 
_reflns.limit_l_min                                    ? 
_reflns.number_all                                     ? 
_reflns.number_obs                                     20848 
_reflns.observed_criterion                             ? 
_reflns.observed_criterion_F_max                       ? 
_reflns.observed_criterion_F_min                       ? 
_reflns.observed_criterion_I_max                       ? 
_reflns.observed_criterion_I_min                       ? 
_reflns.observed_criterion_sigma_F                     ? 
_reflns.observed_criterion_sigma_I                     ? 
_reflns.percent_possible_obs                           97.83 
_reflns.R_free_details                                 ? 
_reflns.Rmerge_F_all                                   ? 
_reflns.Rmerge_F_obs                                   ? 
_reflns.Friedel_coverage                               ? 
_reflns.number_gt                                      ? 
_reflns.threshold_expression                           ? 
_reflns.pdbx_redundancy                                6.3 
_reflns.pdbx_Rmerge_I_obs                              ? 
_reflns.pdbx_Rmerge_I_all                              ? 
_reflns.pdbx_Rsym_value                                ? 
_reflns.pdbx_netI_over_av_sigmaI                       ? 
_reflns.pdbx_netI_over_sigmaI                          14.9 
_reflns.pdbx_res_netI_over_av_sigmaI_2                 ? 
_reflns.pdbx_res_netI_over_sigmaI_2                    ? 
_reflns.pdbx_chi_squared                               ? 
_reflns.pdbx_scaling_rejects                           ? 
_reflns.pdbx_d_res_high_opt                            ? 
_reflns.pdbx_d_res_low_opt                             ? 
_reflns.pdbx_d_res_opt_method                          ? 
_reflns.phase_calculation_details                      ? 
_reflns.pdbx_Rrim_I_all                                ? 
_reflns.pdbx_Rpim_I_all                                ? 
_reflns.pdbx_d_opt                                     ? 
_reflns.pdbx_number_measured_all                       ? 
_reflns.pdbx_diffrn_id                                 1 
_reflns.pdbx_ordinal                                   1 
_reflns.pdbx_CC_half                                   0.944 
_reflns.pdbx_CC_star                                   ? 
_reflns.pdbx_R_split                                   ? 
_reflns.pdbx_aniso_diffraction_limit_axis_1_ortho[1]   ? 
_reflns.pdbx_aniso_diffraction_limit_axis_1_ortho[2]   ? 
_reflns.pdbx_aniso_diffraction_limit_axis_1_ortho[3]   ? 
_reflns.pdbx_aniso_diffraction_limit_axis_2_ortho[1]   ? 
_reflns.pdbx_aniso_diffraction_limit_axis_2_ortho[2]   ? 
_reflns.pdbx_aniso_diffraction_limit_axis_2_ortho[3]   ? 
_reflns.pdbx_aniso_diffraction_limit_axis_3_ortho[1]   ? 
_reflns.pdbx_aniso_diffraction_limit_axis_3_ortho[2]   ? 
_reflns.pdbx_aniso_diffraction_limit_axis_3_ortho[3]   ? 
_reflns.pdbx_aniso_diffraction_limit_1                 ? 
_reflns.pdbx_aniso_diffraction_limit_2                 ? 
_reflns.pdbx_aniso_diffraction_limit_3                 ? 
_reflns.pdbx_aniso_B_tensor_eigenvector_1_ortho[1]     ? 
_reflns.pdbx_aniso_B_tensor_eigenvector_1_ortho[2]     ? 
_reflns.pdbx_aniso_B_tensor_eigenvector_1_ortho[3]     ? 
_reflns.pdbx_aniso_B_tensor_eigenvector_2_ortho[1]     ? 
_reflns.pdbx_aniso_B_tensor_eigenvector_2_ortho[2]     ? 
_reflns.pdbx_aniso_B_tensor_eigenvector_2_ortho[3]     ? 
_reflns.pdbx_aniso_B_tensor_eigenvector_3_ortho[1]     ? 
_reflns.pdbx_aniso_B_tensor_eigenvector_3_ortho[2]     ? 
_reflns.pdbx_aniso_B_tensor_eigenvector_3_ortho[3]     ? 
_reflns.pdbx_aniso_B_tensor_eigenvalue_1               ? 
_reflns.pdbx_aniso_B_tensor_eigenvalue_2               ? 
_reflns.pdbx_aniso_B_tensor_eigenvalue_3               ? 
_reflns.pdbx_orthogonalization_convention              ? 
_reflns.pdbx_percent_possible_ellipsoidal              ? 
_reflns.pdbx_percent_possible_spherical                ? 
_reflns.pdbx_percent_possible_ellipsoidal_anomalous    ? 
_reflns.pdbx_percent_possible_spherical_anomalous      ? 
_reflns.pdbx_redundancy_anomalous                      ? 
_reflns.pdbx_CC_half_anomalous                         ? 
_reflns.pdbx_absDiff_over_sigma_anomalous              ? 
_reflns.pdbx_percent_possible_anomalous                ? 
_reflns.pdbx_observed_signal_threshold                 ? 
_reflns.pdbx_signal_type                               ? 
_reflns.pdbx_signal_details                            ? 
_reflns.pdbx_signal_software_id                        ? 
# 
_reflns_shell.d_res_high                                    0.79 
_reflns_shell.d_res_low                                     0.8182 
_reflns_shell.meanI_over_sigI_all                           ? 
_reflns_shell.meanI_over_sigI_obs                           ? 
_reflns_shell.number_measured_all                           ? 
_reflns_shell.number_measured_obs                           ? 
_reflns_shell.number_possible                               ? 
_reflns_shell.number_unique_all                             ? 
_reflns_shell.number_unique_obs                             1027 
_reflns_shell.percent_possible_all                          ? 
_reflns_shell.percent_possible_obs                          ? 
_reflns_shell.Rmerge_F_all                                  ? 
_reflns_shell.Rmerge_F_obs                                  ? 
_reflns_shell.Rmerge_I_all                                  ? 
_reflns_shell.Rmerge_I_obs                                  ? 
_reflns_shell.meanI_over_sigI_gt                            ? 
_reflns_shell.meanI_over_uI_all                             ? 
_reflns_shell.meanI_over_uI_gt                              ? 
_reflns_shell.number_measured_gt                            ? 
_reflns_shell.number_unique_gt                              ? 
_reflns_shell.percent_possible_gt                           ? 
_reflns_shell.Rmerge_F_gt                                   ? 
_reflns_shell.Rmerge_I_gt                                   ? 
_reflns_shell.pdbx_redundancy                               ? 
_reflns_shell.pdbx_Rsym_value                               ? 
_reflns_shell.pdbx_chi_squared                              ? 
_reflns_shell.pdbx_netI_over_sigmaI_all                     ? 
_reflns_shell.pdbx_netI_over_sigmaI_obs                     ? 
_reflns_shell.pdbx_Rrim_I_all                               ? 
_reflns_shell.pdbx_Rpim_I_all                               ? 
_reflns_shell.pdbx_rejects                                  ? 
_reflns_shell.pdbx_ordinal                                  1 
_reflns_shell.pdbx_diffrn_id                                1 
_reflns_shell.pdbx_CC_half                                  0.917 
_reflns_shell.pdbx_CC_star                                  ? 
_reflns_shell.pdbx_R_split                                  ? 
_reflns_shell.pdbx_percent_possible_ellipsoidal             ? 
_reflns_shell.pdbx_percent_possible_spherical               ? 
_reflns_shell.pdbx_percent_possible_ellipsoidal_anomalous   ? 
_reflns_shell.pdbx_percent_possible_spherical_anomalous     ? 
_reflns_shell.pdbx_redundancy_anomalous                     ? 
_reflns_shell.pdbx_CC_half_anomalous                        ? 
_reflns_shell.pdbx_absDiff_over_sigma_anomalous             ? 
_reflns_shell.pdbx_percent_possible_anomalous               ? 
# 
_refine.aniso_B[1][1]                            ? 
_refine.aniso_B[1][2]                            ? 
_refine.aniso_B[1][3]                            ? 
_refine.aniso_B[2][2]                            ? 
_refine.aniso_B[2][3]                            ? 
_refine.aniso_B[3][3]                            ? 
_refine.B_iso_max                                ? 
_refine.B_iso_mean                               6.72 
_refine.B_iso_min                                ? 
_refine.correlation_coeff_Fo_to_Fc               ? 
_refine.correlation_coeff_Fo_to_Fc_free          ? 
_refine.details                                  ? 
_refine.diff_density_max                         ? 
_refine.diff_density_max_esd                     ? 
_refine.diff_density_min                         ? 
_refine.diff_density_min_esd                     ? 
_refine.diff_density_rms                         ? 
_refine.diff_density_rms_esd                     ? 
_refine.entry_id                                 7TLU 
_refine.pdbx_refine_id                           'X-RAY DIFFRACTION' 
_refine.ls_abs_structure_details                 ? 
_refine.ls_abs_structure_Flack                   ? 
_refine.ls_abs_structure_Flack_esd               ? 
_refine.ls_abs_structure_Rogers                  ? 
_refine.ls_abs_structure_Rogers_esd              ? 
_refine.ls_d_res_high                            0.79 
_refine.ls_d_res_low                             13.63 
_refine.ls_extinction_coef                       ? 
_refine.ls_extinction_coef_esd                   ? 
_refine.ls_extinction_expression                 ? 
_refine.ls_extinction_method                     ? 
_refine.ls_goodness_of_fit_all                   ? 
_refine.ls_goodness_of_fit_all_esd               ? 
_refine.ls_goodness_of_fit_obs                   ? 
_refine.ls_goodness_of_fit_obs_esd               ? 
_refine.ls_hydrogen_treatment                    ? 
_refine.ls_matrix_type                           ? 
_refine.ls_number_constraints                    ? 
_refine.ls_number_parameters                     ? 
_refine.ls_number_reflns_all                     ? 
_refine.ls_number_reflns_obs                     20848 
_refine.ls_number_reflns_R_free                  2098 
_refine.ls_number_reflns_R_work                  18750 
_refine.ls_number_restraints                     ? 
_refine.ls_percent_reflns_obs                    96.60 
_refine.ls_percent_reflns_R_free                 10.06 
_refine.ls_R_factor_all                          ? 
_refine.ls_R_factor_obs                          0.1033 
_refine.ls_R_factor_R_free                       0.1178 
_refine.ls_R_factor_R_free_error                 ? 
_refine.ls_R_factor_R_free_error_details         ? 
_refine.ls_R_factor_R_work                       0.1017 
_refine.ls_R_Fsqd_factor_obs                     ? 
_refine.ls_R_I_factor_obs                        ? 
_refine.ls_redundancy_reflns_all                 ? 
_refine.ls_redundancy_reflns_obs                 ? 
_refine.ls_restrained_S_all                      ? 
_refine.ls_restrained_S_obs                      ? 
_refine.ls_shift_over_esd_max                    ? 
_refine.ls_shift_over_esd_mean                   ? 
_refine.ls_structure_factor_coef                 ? 
_refine.ls_weighting_details                     ? 
_refine.ls_weighting_scheme                      ? 
_refine.ls_wR_factor_all                         ? 
_refine.ls_wR_factor_obs                         ? 
_refine.ls_wR_factor_R_free                      ? 
_refine.ls_wR_factor_R_work                      ? 
_refine.occupancy_max                            ? 
_refine.occupancy_min                            ? 
_refine.solvent_model_details                    'FLAT BULK SOLVENT MODEL' 
_refine.solvent_model_param_bsol                 ? 
_refine.solvent_model_param_ksol                 ? 
_refine.pdbx_R_complete                          ? 
_refine.ls_R_factor_gt                           ? 
_refine.ls_goodness_of_fit_gt                    ? 
_refine.ls_goodness_of_fit_ref                   ? 
_refine.ls_shift_over_su_max                     ? 
_refine.ls_shift_over_su_max_lt                  ? 
_refine.ls_shift_over_su_mean                    ? 
_refine.ls_shift_over_su_mean_lt                 ? 
_refine.pdbx_ls_sigma_I                          ? 
_refine.pdbx_ls_sigma_F                          1.38 
_refine.pdbx_ls_sigma_Fsqd                       ? 
_refine.pdbx_data_cutoff_high_absF               ? 
_refine.pdbx_data_cutoff_high_rms_absF           ? 
_refine.pdbx_data_cutoff_low_absF                ? 
_refine.pdbx_isotropic_thermal_model             ? 
_refine.pdbx_ls_cross_valid_method               'FREE R-VALUE' 
_refine.pdbx_method_to_determine_struct          'MOLECULAR REPLACEMENT' 
_refine.pdbx_starting_model                      7TLS 
_refine.pdbx_stereochemistry_target_values       'GeoStd + Monomer Library + CDL v1.2' 
_refine.pdbx_R_Free_selection_details            ? 
_refine.pdbx_stereochem_target_val_spec_case     ? 
_refine.pdbx_overall_ESU_R                       ? 
_refine.pdbx_overall_ESU_R_Free                  ? 
_refine.pdbx_solvent_vdw_probe_radii             1.1100 
_refine.pdbx_solvent_ion_probe_radii             ? 
_refine.pdbx_solvent_shrinkage_radii             0.9000 
_refine.pdbx_real_space_R                        ? 
_refine.pdbx_density_correlation                 ? 
_refine.pdbx_pd_number_of_powder_patterns        ? 
_refine.pdbx_pd_number_of_points                 ? 
_refine.pdbx_pd_meas_number_of_points            ? 
_refine.pdbx_pd_proc_ls_prof_R_factor            ? 
_refine.pdbx_pd_proc_ls_prof_wR_factor           ? 
_refine.pdbx_pd_Marquardt_correlation_coeff      ? 
_refine.pdbx_pd_Fsqrd_R_factor                   ? 
_refine.pdbx_pd_ls_matrix_band_width             ? 
_refine.pdbx_overall_phase_error                 11.7703 
_refine.pdbx_overall_SU_R_free_Cruickshank_DPI   ? 
_refine.pdbx_overall_SU_R_free_Blow_DPI          ? 
_refine.pdbx_overall_SU_R_Blow_DPI               ? 
_refine.pdbx_TLS_residual_ADP_flag               ? 
_refine.pdbx_diffrn_id                           1 
_refine.overall_SU_B                             ? 
_refine.overall_SU_ML                            0.0461 
_refine.overall_SU_R_Cruickshank_DPI             ? 
_refine.overall_SU_R_free                        ? 
_refine.overall_FOM_free_R_set                   ? 
_refine.overall_FOM_work_R_set                   ? 
_refine.pdbx_average_fsc_overall                 ? 
_refine.pdbx_average_fsc_work                    ? 
_refine.pdbx_average_fsc_free                    ? 
# 
_refine_hist.pdbx_refine_id                   'X-RAY DIFFRACTION' 
_refine_hist.cycle_id                         LAST 
_refine_hist.details                          ? 
_refine_hist.d_res_high                       0.79 
_refine_hist.d_res_low                        13.63 
_refine_hist.number_atoms_solvent             10 
_refine_hist.number_atoms_total               117 
_refine_hist.number_reflns_all                ? 
_refine_hist.number_reflns_obs                ? 
_refine_hist.number_reflns_R_free             ? 
_refine_hist.number_reflns_R_work             ? 
_refine_hist.R_factor_all                     ? 
_refine_hist.R_factor_obs                     ? 
_refine_hist.R_factor_R_free                  ? 
_refine_hist.R_factor_R_work                  ? 
_refine_hist.pdbx_number_residues_total       ? 
_refine_hist.pdbx_B_iso_mean_ligand           ? 
_refine_hist.pdbx_B_iso_mean_solvent          ? 
_refine_hist.pdbx_number_atoms_protein        82 
_refine_hist.pdbx_number_atoms_nucleic_acid   0 
_refine_hist.pdbx_number_atoms_ligand         25 
_refine_hist.pdbx_number_atoms_lipid          ? 
_refine_hist.pdbx_number_atoms_carb           ? 
_refine_hist.pdbx_pseudo_atom_details         ? 
# 
loop_
_refine_ls_restr.pdbx_refine_id 
_refine_ls_restr.criterion 
_refine_ls_restr.dev_ideal 
_refine_ls_restr.dev_ideal_target 
_refine_ls_restr.number 
_refine_ls_restr.rejects 
_refine_ls_restr.type 
_refine_ls_restr.weight 
_refine_ls_restr.pdbx_restraint_function 
'X-RAY DIFFRACTION' ? 0.0094  ? 168 ? f_bond_d           ? ? 
'X-RAY DIFFRACTION' ? 1.9114  ? 231 ? f_angle_d          ? ? 
'X-RAY DIFFRACTION' ? 0.0407  ? 12  ? f_chiral_restr     ? ? 
'X-RAY DIFFRACTION' ? 0.0077  ? 28  ? f_plane_restr      ? ? 
'X-RAY DIFFRACTION' ? 37.6800 ? 31  ? f_dihedral_angle_d ? ? 
# 
loop_
_refine_ls_shell.pdbx_refine_id 
_refine_ls_shell.d_res_high 
_refine_ls_shell.d_res_low 
_refine_ls_shell.number_reflns_all 
_refine_ls_shell.number_reflns_obs 
_refine_ls_shell.number_reflns_R_free 
_refine_ls_shell.number_reflns_R_work 
_refine_ls_shell.percent_reflns_obs 
_refine_ls_shell.percent_reflns_R_free 
_refine_ls_shell.R_factor_all 
_refine_ls_shell.R_factor_obs 
_refine_ls_shell.R_factor_R_free 
_refine_ls_shell.R_factor_R_free_error 
_refine_ls_shell.R_factor_R_work 
_refine_ls_shell.redundancy_reflns_all 
_refine_ls_shell.redundancy_reflns_obs 
_refine_ls_shell.wR_factor_all 
_refine_ls_shell.wR_factor_obs 
_refine_ls_shell.wR_factor_R_free 
_refine_ls_shell.wR_factor_R_work 
_refine_ls_shell.pdbx_R_complete 
_refine_ls_shell.pdbx_total_number_of_bins_used 
_refine_ls_shell.pdbx_phase_error 
_refine_ls_shell.pdbx_fsc_work 
_refine_ls_shell.pdbx_fsc_free 
'X-RAY DIFFRACTION' 0.79 0.81  . . 125 1139 87.90 . . . 0.2260 . 0.2112 . . . . . . . . . . . 
'X-RAY DIFFRACTION' 0.81 0.83  . . 139 1199 96.61 . . . 0.1692 . 0.1617 . . . . . . . . . . . 
'X-RAY DIFFRACTION' 0.83 0.85  . . 139 1276 97.18 . . . 0.1843 . 0.1613 . . . . . . . . . . . 
'X-RAY DIFFRACTION' 0.85 0.88  . . 145 1283 97.61 . . . 0.1797 . 0.1463 . . . . . . . . . . . 
'X-RAY DIFFRACTION' 0.88 0.90  . . 143 1266 97.58 . . . 0.1326 . 0.1181 . . . . . . . . . . . 
'X-RAY DIFFRACTION' 0.90 0.94  . . 133 1251 97.53 . . . 0.1086 . 0.1013 . . . . . . . . . . . 
'X-RAY DIFFRACTION' 0.94 0.97  . . 140 1245 95.91 . . . 0.1177 . 0.0943 . . . . . . . . . . . 
'X-RAY DIFFRACTION' 0.97 1.02  . . 145 1254 95.95 . . . 0.0866 . 0.0878 . . . . . . . . . . . 
'X-RAY DIFFRACTION' 1.02 1.07  . . 140 1252 96.87 . . . 0.1051 . 0.0767 . . . . . . . . . . . 
'X-RAY DIFFRACTION' 1.07 1.14  . . 146 1312 99.05 . . . 0.0935 . 0.0715 . . . . . . . . . . . 
'X-RAY DIFFRACTION' 1.14 1.23  . . 142 1248 98.44 . . . 0.0820 . 0.0758 . . . . . . . . . . . 
'X-RAY DIFFRACTION' 1.23 1.35  . . 139 1260 98.59 . . . 0.1007 . 0.0863 . . . . . . . . . . . 
'X-RAY DIFFRACTION' 1.35 1.55  . . 142 1278 97.46 . . . 0.1248 . 0.0975 . . . . . . . . . . . 
'X-RAY DIFFRACTION' 1.55 1.95  . . 137 1204 92.93 . . . 0.1132 . 0.1038 . . . . . . . . . . . 
'X-RAY DIFFRACTION' 1.95 13.63 . . 143 1283 99.37 . . . 0.1234 . 0.1093 . . . . . . . . . . . 
# 
_struct.entry_id                     7TLU 
_struct.title                        'Porous framework formed by assembly of a bipyridyl-conjugated helical peptide' 
_struct.pdbx_model_details           ? 
_struct.pdbx_formula_weight          ? 
_struct.pdbx_formula_weight_method   ? 
_struct.pdbx_model_type_details      ? 
_struct.pdbx_CASP_flag               N 
# 
_struct_keywords.entry_id        7TLU 
_struct_keywords.text            'porous, framework, helix, 310, alpha, assembly, bipyridine, UIC-1, DE NOVO PROTEIN' 
_struct_keywords.pdbx_keywords   'DE NOVO PROTEIN' 
# 
loop_
_struct_asym.id 
_struct_asym.pdbx_blank_PDB_chainid_flag 
_struct_asym.pdbx_modified 
_struct_asym.entity_id 
_struct_asym.details 
A N N 1 ? 
B N N 2 ? 
C N N 2 ? 
D N N 3 ? 
# 
_struct_ref.id                         1 
_struct_ref.db_name                    PDB 
_struct_ref.db_code                    7TLU 
_struct_ref.pdbx_db_accession          7TLU 
_struct_ref.pdbx_db_isoform            ? 
_struct_ref.entity_id                  1 
_struct_ref.pdbx_seq_one_letter_code   ? 
_struct_ref.pdbx_align_begin           1 
# 
_struct_ref_seq.align_id                      1 
_struct_ref_seq.ref_id                        1 
_struct_ref_seq.pdbx_PDB_id_code              7TLU 
_struct_ref_seq.pdbx_strand_id                A 
_struct_ref_seq.seq_align_beg                 2 
_struct_ref_seq.pdbx_seq_align_beg_ins_code   ? 
_struct_ref_seq.seq_align_end                 10 
_struct_ref_seq.pdbx_seq_align_end_ins_code   ? 
_struct_ref_seq.pdbx_db_accession             7TLU 
_struct_ref_seq.db_align_beg                  2 
_struct_ref_seq.pdbx_db_align_beg_ins_code    ? 
_struct_ref_seq.db_align_end                  10 
_struct_ref_seq.pdbx_db_align_end_ins_code    ? 
_struct_ref_seq.pdbx_auth_seq_align_beg       2 
_struct_ref_seq.pdbx_auth_seq_align_end       10 
# 
_pdbx_struct_assembly.id                   1 
_pdbx_struct_assembly.details              software_defined_assembly 
_pdbx_struct_assembly.method_details       PISA 
_pdbx_struct_assembly.oligomeric_details   monomeric 
_pdbx_struct_assembly.oligomeric_count     1 
# 
_pdbx_struct_assembly_gen.assembly_id       1 
_pdbx_struct_assembly_gen.oper_expression   1 
_pdbx_struct_assembly_gen.asym_id_list      A,B,C,D 
# 
_pdbx_struct_assembly_auth_evidence.id                     1 
_pdbx_struct_assembly_auth_evidence.assembly_id            1 
_pdbx_struct_assembly_auth_evidence.experimental_support   none 
_pdbx_struct_assembly_auth_evidence.details                ? 
# 
_pdbx_struct_oper_list.id                   1 
_pdbx_struct_oper_list.type                 'identity operation' 
_pdbx_struct_oper_list.name                 1_555 
_pdbx_struct_oper_list.symmetry_operation   x,y,z 
_pdbx_struct_oper_list.matrix[1][1]         1.0000000000 
_pdbx_struct_oper_list.matrix[1][2]         0.0000000000 
_pdbx_struct_oper_list.matrix[1][3]         0.0000000000 
_pdbx_struct_oper_list.vector[1]            0.0000000000 
_pdbx_struct_oper_list.matrix[2][1]         0.0000000000 
_pdbx_struct_oper_list.matrix[2][2]         1.0000000000 
_pdbx_struct_oper_list.matrix[2][3]         0.0000000000 
_pdbx_struct_oper_list.vector[2]            0.0000000000 
_pdbx_struct_oper_list.matrix[3][1]         0.0000000000 
_pdbx_struct_oper_list.matrix[3][2]         0.0000000000 
_pdbx_struct_oper_list.matrix[3][3]         1.0000000000 
_pdbx_struct_oper_list.vector[3]            0.0000000000 
# 
_struct_conf.conf_type_id            HELX_P 
_struct_conf.id                      HELX_P1 
_struct_conf.pdbx_PDB_helix_id       AA1 
_struct_conf.beg_label_comp_id       LEU 
_struct_conf.beg_label_asym_id       A 
_struct_conf.beg_label_seq_id        2 
_struct_conf.pdbx_beg_PDB_ins_code   ? 
_struct_conf.end_label_comp_id       GLN 
_struct_conf.end_label_asym_id       A 
_struct_conf.end_label_seq_id        8 
_struct_conf.pdbx_end_PDB_ins_code   ? 
_struct_conf.beg_auth_comp_id        LEU 
_struct_conf.beg_auth_asym_id        A 
_struct_conf.beg_auth_seq_id         2 
_struct_conf.end_auth_comp_id        GLN 
_struct_conf.end_auth_asym_id        A 
_struct_conf.end_auth_seq_id         8 
_struct_conf.pdbx_PDB_helix_class    1 
_struct_conf.details                 ? 
_struct_conf.pdbx_PDB_helix_length   7 
# 
_struct_conf_type.id          HELX_P 
_struct_conf_type.criteria    ? 
_struct_conf_type.reference   ? 
# 
loop_
_struct_conn.id 
_struct_conn.conn_type_id 
_struct_conn.pdbx_leaving_atom_flag 
_struct_conn.pdbx_PDB_id 
_struct_conn.ptnr1_label_asym_id 
_struct_conn.ptnr1_label_comp_id 
_struct_conn.ptnr1_label_seq_id 
_struct_conn.ptnr1_label_atom_id 
_struct_conn.pdbx_ptnr1_label_alt_id 
_struct_conn.pdbx_ptnr1_PDB_ins_code 
_struct_conn.pdbx_ptnr1_standard_comp_id 
_struct_conn.ptnr1_symmetry 
_struct_conn.ptnr2_label_asym_id 
_struct_conn.ptnr2_label_comp_id 
_struct_conn.ptnr2_label_seq_id 
_struct_conn.ptnr2_label_atom_id 
_struct_conn.pdbx_ptnr2_label_alt_id 
_struct_conn.pdbx_ptnr2_PDB_ins_code 
_struct_conn.ptnr1_auth_asym_id 
_struct_conn.ptnr1_auth_comp_id 
_struct_conn.ptnr1_auth_seq_id 
_struct_conn.ptnr2_auth_asym_id 
_struct_conn.ptnr2_auth_comp_id 
_struct_conn.ptnr2_auth_seq_id 
_struct_conn.ptnr2_symmetry 
_struct_conn.pdbx_ptnr3_label_atom_id 
_struct_conn.pdbx_ptnr3_label_seq_id 
_struct_conn.pdbx_ptnr3_label_comp_id 
_struct_conn.pdbx_ptnr3_label_asym_id 
_struct_conn.pdbx_ptnr3_label_alt_id 
_struct_conn.pdbx_ptnr3_PDB_ins_code 
_struct_conn.details 
_struct_conn.pdbx_dist_value 
_struct_conn.pdbx_value_order 
_struct_conn.pdbx_role 
covale1  covale one  ? A I6W 1  C02 A ? ? 1_555 A LEU 2  N   ? ? A I6W 1  A LEU 2  1_555 ? ? ? ? ? ? ? 1.428 ? ? 
covale2  covale one  ? A I6W 1  C02 B ? ? 1_555 A LEU 2  N   ? ? A I6W 1  A LEU 2  1_555 ? ? ? ? ? ? ? 1.421 ? ? 
covale3  covale both ? A LEU 2  C   ? ? ? 1_555 A AIB 3  N   ? ? A LEU 2  A AIB 3  1_555 ? ? ? ? ? ? ? 1.335 ? ? 
covale4  covale both ? A AIB 3  C   ? ? ? 1_555 A SER 4  N   A ? A AIB 3  A SER 4  1_555 ? ? ? ? ? ? ? 1.329 ? ? 
covale5  covale both ? A AIB 3  C   ? ? ? 1_555 A SER 4  N   B ? A AIB 3  A SER 4  1_555 ? ? ? ? ? ? ? 1.330 ? ? 
covale6  covale both ? A AIB 3  C   ? ? ? 1_555 A SER 4  N   C ? A AIB 3  A SER 4  1_555 ? ? ? ? ? ? ? 1.329 ? ? 
covale7  covale both ? A SER 4  C   A ? ? 1_555 A AIB 5  N   ? ? A SER 4  A AIB 5  1_555 ? ? ? ? ? ? ? 1.331 ? ? 
covale8  covale both ? A SER 4  C   B ? ? 1_555 A AIB 5  N   ? ? A SER 4  A AIB 5  1_555 ? ? ? ? ? ? ? 1.330 ? ? 
covale9  covale both ? A SER 4  C   C ? ? 1_555 A AIB 5  N   ? ? A SER 4  A AIB 5  1_555 ? ? ? ? ? ? ? 1.329 ? ? 
covale10 covale both ? A AIB 5  C   ? ? ? 1_555 A LEU 6  N   ? ? A AIB 5  A LEU 6  1_555 ? ? ? ? ? ? ? 1.340 ? ? 
covale11 covale both ? A LEU 6  C   ? ? ? 1_555 A AIB 7  N   ? ? A LEU 6  A AIB 7  1_555 ? ? ? ? ? ? ? 1.336 ? ? 
covale12 covale both ? A AIB 7  C   ? ? ? 1_555 A GLN 8  N   ? ? A AIB 7  A GLN 8  1_555 ? ? ? ? ? ? ? 1.341 ? ? 
covale13 covale both ? A GLN 8  C   ? ? ? 1_555 A AIB 9  N   ? ? A GLN 8  A AIB 9  1_555 ? ? ? ? ? ? ? 1.340 ? ? 
covale14 covale both ? A AIB 9  C   ? ? ? 1_555 A LEU 10 N   A ? A AIB 9  A LEU 10 1_555 ? ? ? ? ? ? ? 1.327 ? ? 
covale15 covale both ? A AIB 9  C   ? ? ? 1_555 A LEU 10 N   B ? A AIB 9  A LEU 10 1_555 ? ? ? ? ? ? ? 1.345 ? ? 
covale16 covale one  ? A LEU 10 C   A ? ? 1_555 A I77 11 N15 A ? A LEU 10 A I77 11 1_555 ? ? ? ? ? ? ? 1.432 ? ? 
covale17 covale one  ? A LEU 10 C   B ? ? 1_555 A I77 11 N15 B ? A LEU 10 A I77 11 1_555 ? ? ? ? ? ? ? 1.426 ? ? 
# 
_struct_conn_type.id          covale 
_struct_conn_type.criteria    ? 
_struct_conn_type.reference   ? 
# 
_pdbx_entry_details.entry_id                   7TLU 
_pdbx_entry_details.has_ligand_of_interest     N 
_pdbx_entry_details.compound_details           ? 
_pdbx_entry_details.source_details             ? 
_pdbx_entry_details.nonpolymer_details         ? 
_pdbx_entry_details.sequence_details           ? 
_pdbx_entry_details.has_protein_modification   ? 
# 
_pdbx_validate_close_contact.id               1 
_pdbx_validate_close_contact.PDB_model_num    1 
_pdbx_validate_close_contact.auth_atom_id_1   O17 
_pdbx_validate_close_contact.auth_asym_id_1   A 
_pdbx_validate_close_contact.auth_comp_id_1   I6W 
_pdbx_validate_close_contact.auth_seq_id_1    1 
_pdbx_validate_close_contact.PDB_ins_code_1   ? 
_pdbx_validate_close_contact.label_alt_id_1   A 
_pdbx_validate_close_contact.auth_atom_id_2   O 
_pdbx_validate_close_contact.auth_asym_id_2   A 
_pdbx_validate_close_contact.auth_comp_id_2   HOH 
_pdbx_validate_close_contact.auth_seq_id_2    301 
_pdbx_validate_close_contact.PDB_ins_code_2   ? 
_pdbx_validate_close_contact.label_alt_id_2   ? 
_pdbx_validate_close_contact.dist             1.78 
# 
_pdbx_validate_symm_contact.id                1 
_pdbx_validate_symm_contact.PDB_model_num     1 
_pdbx_validate_symm_contact.auth_atom_id_1    O 
_pdbx_validate_symm_contact.auth_asym_id_1    A 
_pdbx_validate_symm_contact.auth_comp_id_1    HOH 
_pdbx_validate_symm_contact.auth_seq_id_1     302 
_pdbx_validate_symm_contact.PDB_ins_code_1    ? 
_pdbx_validate_symm_contact.label_alt_id_1    ? 
_pdbx_validate_symm_contact.site_symmetry_1   1_555 
_pdbx_validate_symm_contact.auth_atom_id_2    O 
_pdbx_validate_symm_contact.auth_asym_id_2    A 
_pdbx_validate_symm_contact.auth_comp_id_2    HOH 
_pdbx_validate_symm_contact.auth_seq_id_2     306 
_pdbx_validate_symm_contact.PDB_ins_code_2    ? 
_pdbx_validate_symm_contact.label_alt_id_2    ? 
_pdbx_validate_symm_contact.site_symmetry_2   1_445 
_pdbx_validate_symm_contact.dist              1.96 
# 
loop_
_space_group_symop.id 
_space_group_symop.operation_xyz 
1 x,y,z       
2 -x,y+1/2,-z 
# 
_pdbx_distant_solvent_atoms.id                                1 
_pdbx_distant_solvent_atoms.PDB_model_num                     1 
_pdbx_distant_solvent_atoms.auth_atom_id                      O 
_pdbx_distant_solvent_atoms.label_alt_id                      ? 
_pdbx_distant_solvent_atoms.auth_asym_id                      A 
_pdbx_distant_solvent_atoms.auth_comp_id                      HOH 
_pdbx_distant_solvent_atoms.auth_seq_id                       310 
_pdbx_distant_solvent_atoms.PDB_ins_code                      ? 
_pdbx_distant_solvent_atoms.neighbor_macromolecule_distance   6.92 
_pdbx_distant_solvent_atoms.neighbor_ligand_distance          . 
# 
loop_
_chem_comp_atom.comp_id 
_chem_comp_atom.atom_id 
_chem_comp_atom.type_symbol 
_chem_comp_atom.pdbx_aromatic_flag 
_chem_comp_atom.pdbx_stereo_config 
_chem_comp_atom.pdbx_ordinal 
AIB N    N N N 1   
AIB CA   C N N 2   
AIB C    C N N 3   
AIB O    O N N 4   
AIB OXT  O N N 5   
AIB CB1  C N N 6   
AIB CB2  C N N 7   
AIB H    H N N 8   
AIB H2   H N N 9   
AIB HXT  H N N 10  
AIB HB11 H N N 11  
AIB HB12 H N N 12  
AIB HB13 H N N 13  
AIB HB21 H N N 14  
AIB HB22 H N N 15  
AIB HB23 H N N 16  
CCN N    N N N 17  
CCN C1   C N N 18  
CCN C2   C N N 19  
CCN H21  H N N 20  
CCN H22  H N N 21  
CCN H23  H N N 22  
GLN N    N N N 23  
GLN CA   C N S 24  
GLN C    C N N 25  
GLN O    O N N 26  
GLN CB   C N N 27  
GLN CG   C N N 28  
GLN CD   C N N 29  
GLN OE1  O N N 30  
GLN NE2  N N N 31  
GLN OXT  O N N 32  
GLN H    H N N 33  
GLN H2   H N N 34  
GLN HA   H N N 35  
GLN HB2  H N N 36  
GLN HB3  H N N 37  
GLN HG2  H N N 38  
GLN HG3  H N N 39  
GLN HE21 H N N 40  
GLN HE22 H N N 41  
GLN HXT  H N N 42  
HOH O    O N N 43  
HOH H1   H N N 44  
HOH H2   H N N 45  
I6W C05  C Y N 46  
I6W C08  C Y N 47  
I6W C09  C Y N 48  
I6W N10  N Y N 49  
I6W C02  C N N 50  
I6W C03  C Y N 51  
I6W C04  C Y N 52  
I6W C06  C Y N 53  
I6W C11  C Y N 54  
I6W C12  C Y N 55  
I6W C13  C N N 56  
I6W C15  C N N 57  
I6W C16  C N N 58  
I6W C18  C Y N 59  
I6W C19  C Y N 60  
I6W N07  N Y N 61  
I6W O01  O N N 62  
I6W O14  O N N 63  
I6W O17  O N N 64  
I6W H051 H N N 65  
I6W H1   H N N 66  
I6W H041 H N N 67  
I6W H061 H N N 68  
I6W H111 H N N 69  
I6W H152 H N N 70  
I6W H151 H N N 71  
I6W H162 H N N 72  
I6W H163 H N N 73  
I6W H161 H N N 74  
I6W H181 H N N 75  
I6W H191 H N N 76  
I77 C11  C Y N 77  
I77 C12  C Y N 78  
I77 C13  C N N 79  
I77 C17  C Y N 80  
I77 C18  C Y N 81  
I77 C02  C N N 82  
I77 C03  C Y N 83  
I77 C04  C Y N 84  
I77 C05  C Y N 85  
I77 C06  C Y N 86  
I77 C08  C Y N 87  
I77 C09  C Y N 88  
I77 N01  N N N 89  
I77 N07  N Y N 90  
I77 N10  N Y N 91  
I77 N14  N N N 92  
I77 N15  N N N 93  
I77 O16  O N N 94  
I77 O19  O N N 95  
I77 H111 H N N 96  
I77 H171 H N N 97  
I77 H181 H N N 98  
I77 H041 H N N 99  
I77 H051 H N N 100 
I77 H061 H N N 101 
I77 H011 H N N 102 
I77 H012 H N N 103 
I77 H141 H N N 104 
I77 H1   H N N 105 
I77 H2   H N N 106 
LEU N    N N N 107 
LEU CA   C N S 108 
LEU C    C N N 109 
LEU O    O N N 110 
LEU CB   C N N 111 
LEU CG   C N N 112 
LEU CD1  C N N 113 
LEU CD2  C N N 114 
LEU OXT  O N N 115 
LEU H    H N N 116 
LEU H2   H N N 117 
LEU HA   H N N 118 
LEU HB2  H N N 119 
LEU HB3  H N N 120 
LEU HG   H N N 121 
LEU HD11 H N N 122 
LEU HD12 H N N 123 
LEU HD13 H N N 124 
LEU HD21 H N N 125 
LEU HD22 H N N 126 
LEU HD23 H N N 127 
LEU HXT  H N N 128 
SER N    N N N 129 
SER CA   C N S 130 
SER C    C N N 131 
SER O    O N N 132 
SER CB   C N N 133 
SER OG   O N N 134 
SER OXT  O N N 135 
SER H    H N N 136 
SER H2   H N N 137 
SER HA   H N N 138 
SER HB2  H N N 139 
SER HB3  H N N 140 
SER HG   H N N 141 
SER HXT  H N N 142 
# 
loop_
_chem_comp_bond.comp_id 
_chem_comp_bond.atom_id_1 
_chem_comp_bond.atom_id_2 
_chem_comp_bond.value_order 
_chem_comp_bond.pdbx_aromatic_flag 
_chem_comp_bond.pdbx_stereo_config 
_chem_comp_bond.pdbx_ordinal 
AIB N   CA   sing N N 1   
AIB N   H    sing N N 2   
AIB N   H2   sing N N 3   
AIB CA  C    sing N N 4   
AIB CA  CB1  sing N N 5   
AIB CA  CB2  sing N N 6   
AIB C   O    doub N N 7   
AIB C   OXT  sing N N 8   
AIB OXT HXT  sing N N 9   
AIB CB1 HB11 sing N N 10  
AIB CB1 HB12 sing N N 11  
AIB CB1 HB13 sing N N 12  
AIB CB2 HB21 sing N N 13  
AIB CB2 HB22 sing N N 14  
AIB CB2 HB23 sing N N 15  
CCN N   C1   trip N N 16  
CCN C1  C2   sing N N 17  
CCN C2  H21  sing N N 18  
CCN C2  H22  sing N N 19  
CCN C2  H23  sing N N 20  
GLN N   CA   sing N N 21  
GLN N   H    sing N N 22  
GLN N   H2   sing N N 23  
GLN CA  C    sing N N 24  
GLN CA  CB   sing N N 25  
GLN CA  HA   sing N N 26  
GLN C   O    doub N N 27  
GLN C   OXT  sing N N 28  
GLN CB  CG   sing N N 29  
GLN CB  HB2  sing N N 30  
GLN CB  HB3  sing N N 31  
GLN CG  CD   sing N N 32  
GLN CG  HG2  sing N N 33  
GLN CG  HG3  sing N N 34  
GLN CD  OE1  doub N N 35  
GLN CD  NE2  sing N N 36  
GLN NE2 HE21 sing N N 37  
GLN NE2 HE22 sing N N 38  
GLN OXT HXT  sing N N 39  
HOH O   H1   sing N N 40  
HOH O   H2   sing N N 41  
I6W O01 C02  doub N N 42  
I6W C02 C03  sing N N 43  
I6W C03 C06  doub Y N 44  
I6W C03 C04  sing Y N 45  
I6W C06 N07  sing Y N 46  
I6W C04 C05  doub Y N 47  
I6W N07 C08  doub Y N 48  
I6W C05 C08  sing Y N 49  
I6W C08 C09  sing N N 50  
I6W C09 C19  doub Y N 51  
I6W C09 N10  sing Y N 52  
I6W C19 C18  sing Y N 53  
I6W N10 C11  doub Y N 54  
I6W C18 C12  doub Y N 55  
I6W C11 C12  sing Y N 56  
I6W C12 C13  sing N N 57  
I6W C13 O17  doub N N 58  
I6W C13 O14  sing N N 59  
I6W O14 C15  sing N N 60  
I6W C15 C16  sing N N 61  
I6W C05 H051 sing N N 62  
I6W C02 H1   sing N N 63  
I6W C04 H041 sing N N 64  
I6W C06 H061 sing N N 65  
I6W C11 H111 sing N N 66  
I6W C15 H152 sing N N 67  
I6W C15 H151 sing N N 68  
I6W C16 H162 sing N N 69  
I6W C16 H163 sing N N 70  
I6W C16 H161 sing N N 71  
I6W C18 H181 sing N N 72  
I6W C19 H191 sing N N 73  
I77 N15 N14  sing N N 74  
I77 O16 C13  doub N N 75  
I77 N14 C13  sing N N 76  
I77 C13 C12  sing N N 77  
I77 C12 C17  doub Y N 78  
I77 C12 C11  sing Y N 79  
I77 C17 C18  sing Y N 80  
I77 C11 N10  doub Y N 81  
I77 C18 C09  doub Y N 82  
I77 N10 C09  sing Y N 83  
I77 C09 C08  sing N N 84  
I77 C08 N07  doub Y N 85  
I77 C08 C05  sing Y N 86  
I77 N07 C06  sing Y N 87  
I77 C05 C04  doub Y N 88  
I77 C06 C03  doub Y N 89  
I77 C04 C03  sing Y N 90  
I77 C03 C02  sing N N 91  
I77 C02 N01  sing N N 92  
I77 C02 O19  doub N N 93  
I77 C11 H111 sing N N 94  
I77 C17 H171 sing N N 95  
I77 C18 H181 sing N N 96  
I77 C04 H041 sing N N 97  
I77 C05 H051 sing N N 98  
I77 C06 H061 sing N N 99  
I77 N01 H011 sing N N 100 
I77 N01 H012 sing N N 101 
I77 N14 H141 sing N N 102 
I77 N15 H1   sing N N 103 
I77 N15 H2   sing N N 104 
LEU N   CA   sing N N 105 
LEU N   H    sing N N 106 
LEU N   H2   sing N N 107 
LEU CA  C    sing N N 108 
LEU CA  CB   sing N N 109 
LEU CA  HA   sing N N 110 
LEU C   O    doub N N 111 
LEU C   OXT  sing N N 112 
LEU CB  CG   sing N N 113 
LEU CB  HB2  sing N N 114 
LEU CB  HB3  sing N N 115 
LEU CG  CD1  sing N N 116 
LEU CG  CD2  sing N N 117 
LEU CG  HG   sing N N 118 
LEU CD1 HD11 sing N N 119 
LEU CD1 HD12 sing N N 120 
LEU CD1 HD13 sing N N 121 
LEU CD2 HD21 sing N N 122 
LEU CD2 HD22 sing N N 123 
LEU CD2 HD23 sing N N 124 
LEU OXT HXT  sing N N 125 
SER N   CA   sing N N 126 
SER N   H    sing N N 127 
SER N   H2   sing N N 128 
SER CA  C    sing N N 129 
SER CA  CB   sing N N 130 
SER CA  HA   sing N N 131 
SER C   O    doub N N 132 
SER C   OXT  sing N N 133 
SER CB  OG   sing N N 134 
SER CB  HB2  sing N N 135 
SER CB  HB3  sing N N 136 
SER OG  HG   sing N N 137 
SER OXT HXT  sing N N 138 
# 
_pdbx_audit_support.funding_organization   'Department of Energy (DOE, United States)' 
_pdbx_audit_support.country                ? 
_pdbx_audit_support.grant_number           DE-AC02-06CH11357 
_pdbx_audit_support.ordinal                1 
# 
_pdbx_initial_refinement_model.id               1 
_pdbx_initial_refinement_model.entity_id_list   ? 
_pdbx_initial_refinement_model.type             'experimental model' 
_pdbx_initial_refinement_model.source_name      PDB 
_pdbx_initial_refinement_model.accession_code   7TLS 
_pdbx_initial_refinement_model.details          ? 
# 
_space_group.name_H-M_alt     'P 1 21 1' 
_space_group.name_Hall        'P 2yb' 
_space_group.IT_number        4 
_space_group.crystal_system   monoclinic 
_space_group.id               1 
# 
_atom_sites.entry_id                    7TLU 
_atom_sites.Cartn_transf_matrix[1][1]   ? 
_atom_sites.Cartn_transf_matrix[1][2]   ? 
_atom_sites.Cartn_transf_matrix[1][3]   ? 
_atom_sites.Cartn_transf_matrix[2][1]   ? 
_atom_sites.Cartn_transf_matrix[2][2]   ? 
_atom_sites.Cartn_transf_matrix[2][3]   ? 
_atom_sites.Cartn_transf_matrix[3][1]   ? 
_atom_sites.Cartn_transf_matrix[3][2]   ? 
_atom_sites.Cartn_transf_matrix[3][3]   ? 
_atom_sites.Cartn_transf_vector[1]      ? 
_atom_sites.Cartn_transf_vector[2]      ? 
_atom_sites.Cartn_transf_vector[3]      ? 
_atom_sites.fract_transf_matrix[1][1]   0.01629489 
_atom_sites.fract_transf_matrix[1][2]   0.06653135 
_atom_sites.fract_transf_matrix[1][3]   0.02624666 
_atom_sites.fract_transf_matrix[2][1]   -0.06848718 
_atom_sites.fract_transf_matrix[2][2]   0.02332108 
_atom_sites.fract_transf_matrix[2][3]   -0.01659607 
_atom_sites.fract_transf_matrix[3][1]   -0.01005821 
_atom_sites.fract_transf_matrix[3][2]   -0.00473470 
_atom_sites.fract_transf_matrix[3][3]   0.03485404 
_atom_sites.fract_transf_vector[1]      0.901305 
_atom_sites.fract_transf_vector[2]      0.697639 
_atom_sites.fract_transf_vector[3]      0.685668 
_atom_sites.solution_primary            ? 
_atom_sites.solution_secondary          ? 
_atom_sites.solution_hydrogens          ? 
_atom_sites.special_details             ? 
# 
loop_
_atom_type.symbol 
_atom_type.scat_dispersion_real 
_atom_type.scat_dispersion_imag 
_atom_type.scat_Cromer_Mann_a1 
_atom_type.scat_Cromer_Mann_a2 
_atom_type.scat_Cromer_Mann_a3 
_atom_type.scat_Cromer_Mann_a4 
_atom_type.scat_Cromer_Mann_b1 
_atom_type.scat_Cromer_Mann_b2 
_atom_type.scat_Cromer_Mann_b3 
_atom_type.scat_Cromer_Mann_b4 
_atom_type.scat_Cromer_Mann_c 
_atom_type.scat_source 
_atom_type.scat_dispersion_source 
C ? ? 2.51340 1.74867 1.72398 ? 31.80534 0.44561  10.58317 ? 0.0 
;3-Gaussian fit: Grosse-Kunstleve RW, Sauter NK, Adams PD: Newsletter of the IUCr Commission on Crystallographic Computing 2004, 3, 22-31.
;
? 
H ? ? 0.53795 0.34799 0.11320 ? 10.08003 29.74760 2.57510  ? 0.0 
;3-Gaussian fit: Grosse-Kunstleve RW, Sauter NK, Adams PD: Newsletter of the IUCr Commission on Crystallographic Computing 2004, 3, 22-31.
;
? 
N ? ? 2.99955 2.25584 1.72788 ? 23.27268 7.45433  0.31622  ? 0.0 
;3-Gaussian fit: Grosse-Kunstleve RW, Sauter NK, Adams PD: Newsletter of the IUCr Commission on Crystallographic Computing 2004, 3, 22-31.
;
? 
O ? ? 3.21184 3.04156 1.73156 ? 18.83700 5.90590  0.24126  ? 0.0 
;3-Gaussian fit: Grosse-Kunstleve RW, Sauter NK, Adams PD: Newsletter of the IUCr Commission on Crystallographic Computing 2004, 3, 22-31.
;
? 
# 
loop_
_atom_site.group_PDB 
_atom_site.id 
_atom_site.type_symbol 
_atom_site.label_atom_id 
_atom_site.label_alt_id 
_atom_site.label_comp_id 
_atom_site.label_asym_id 
_atom_site.label_entity_id 
_atom_site.label_seq_id 
_atom_site.pdbx_PDB_ins_code 
_atom_site.Cartn_x 
_atom_site.Cartn_y 
_atom_site.Cartn_z 
_atom_site.occupancy 
_atom_site.B_iso_or_equiv 
_atom_site.pdbx_formal_charge 
_atom_site.auth_seq_id 
_atom_site.auth_comp_id 
_atom_site.auth_asym_id 
_atom_site.auth_atom_id 
_atom_site.pdbx_PDB_model_num 
HETATM 1   C C05  A I6W A 1 1  ? -5.19922 5.19302   5.57033  0.322 7.91936  ? 1   I6W A C05  1 
HETATM 2   C C05  B I6W A 1 1  ? -5.07150 6.04858   5.59237  0.678 6.95557  ? 1   I6W A C05  1 
HETATM 3   C C08  A I6W A 1 1  ? -4.98849 6.40105   6.15256  0.322 7.28175  ? 1   I6W A C08  1 
HETATM 4   C C08  B I6W A 1 1  ? -4.76090 7.32582   5.91485  0.678 7.18898  ? 1   I6W A C08  1 
HETATM 5   C C09  A I6W A 1 1  ? -5.33181 6.55163   7.61662  0.322 7.81556  ? 1   I6W A C09  1 
HETATM 6   C C09  B I6W A 1 1  ? -4.98461 7.69754   7.35729  0.678 8.78310  ? 1   I6W A C09  1 
HETATM 7   N N10  A I6W A 1 1  ? -5.83106 5.52897   8.26783  0.322 9.76460  ? 1   I6W A N10  1 
HETATM 8   N N10  B I6W A 1 1  ? -5.46488 6.78122   8.16721  0.678 10.31077 ? 1   I6W A N10  1 
HETATM 9   C C02  A I6W A 1 1  ? -3.91383 5.91293   2.08760  0.322 4.03246  ? 1   I6W A C02  1 
HETATM 10  C C02  B I6W A 1 1  ? -4.05721 5.89197   2.01444  0.678 6.57201  ? 1   I6W A C02  1 
HETATM 11  C C03  A I6W A 1 1  ? -4.30771 6.09587   3.55802  0.322 7.14068  ? 1   I6W A C03  1 
HETATM 12  C C03  B I6W A 1 1  ? -4.29692 6.50077   3.39610  0.678 5.62789  ? 1   I6W A C03  1 
HETATM 13  C C04  A I6W A 1 1  ? -4.85730 5.01534   4.22441  0.322 8.48232  ? 1   I6W A C04  1 
HETATM 14  C C04  B I6W A 1 1  ? -4.84156 5.61235   4.29527  0.678 6.82180  ? 1   I6W A C04  1 
HETATM 15  C C06  A I6W A 1 1  ? -4.11255 7.29547   4.20779  0.322 7.06527  ? 1   I6W A C06  1 
HETATM 16  C C06  B I6W A 1 1  ? -3.98952 7.79875   3.78289  0.678 6.05992  ? 1   I6W A C06  1 
HETATM 17  C C11  A I6W A 1 1  ? -6.11987 5.59965   9.54738  0.322 9.69983  ? 1   I6W A C11  1 
HETATM 18  C C11  B I6W A 1 1  ? -5.66323 6.96997   9.44807  0.678 10.53676 ? 1   I6W A C11  1 
HETATM 19  C C12  A I6W A 1 1  ? -5.87271 6.77218   10.23305 0.322 8.25191  ? 1   I6W A C12  1 
HETATM 20  C C12  B I6W A 1 1  ? -5.32814 8.18260   9.99249  0.678 11.36976 ? 1   I6W A C12  1 
HETATM 21  C C13  A I6W A 1 1  ? -6.19882 6.87883   11.74401 0.322 9.97649  ? 1   I6W A C13  1 
HETATM 22  C C13  B I6W A 1 1  ? -5.53716 8.40289   11.51168 0.678 13.66218 ? 1   I6W A C13  1 
HETATM 23  C C15  A I6W A 1 1  ? -6.07894 7.97279   13.84959 0.322 12.06881 ? 1   I6W A C15  1 
HETATM 24  C C15  B I6W A 1 1  ? -4.96712 9.58751   13.50411 0.678 17.21329 ? 1   I6W A C15  1 
HETATM 25  C C16  A I6W A 1 1  ? -5.23966 9.03296   14.60118 0.322 12.83690 ? 1   I6W A C16  1 
HETATM 26  C C16  B I6W A 1 1  ? -4.33581 10.93770  13.91921 0.678 19.32043 ? 1   I6W A C16  1 
HETATM 27  C C18  A I6W A 1 1  ? -5.32659 7.85596   9.59949  0.322 7.55741  ? 1   I6W A C18  1 
HETATM 28  C C18  B I6W A 1 1  ? -4.78327 9.16938   9.19821  0.678 11.53528 ? 1   I6W A C18  1 
HETATM 29  C C19  A I6W A 1 1  ? -5.03927 7.73680   8.24828  0.322 7.00400  ? 1   I6W A C19  1 
HETATM 30  C C19  B I6W A 1 1  ? -4.59467 8.91894   7.83808  0.678 10.27735 ? 1   I6W A C19  1 
HETATM 31  N N07  A I6W A 1 1  ? -4.44649 7.41508   5.48682  0.322 7.18837  ? 1   I6W A N07  1 
HETATM 32  N N07  B I6W A 1 1  ? -4.22168 8.18354   5.04546  0.678 6.83619  ? 1   I6W A N07  1 
HETATM 33  O O01  A I6W A 1 1  ? -3.93055 4.78301   1.66646  0.322 4.06227  ? 1   I6W A O01  1 
HETATM 34  O O01  B I6W A 1 1  ? -3.78467 4.72048   1.92510  0.678 5.83523  ? 1   I6W A O01  1 
HETATM 35  O O14  A I6W A 1 1  ? -5.67838 7.97976   12.47032 0.322 10.70950 ? 1   I6W A O14  1 
HETATM 36  O O14  B I6W A 1 1  ? -4.89784 9.52670   12.07227 0.678 15.49646 ? 1   I6W A O14  1 
HETATM 37  O O17  A I6W A 1 1  ? -6.85039 6.06269   12.27273 0.322 10.70676 ? 1   I6W A O17  1 
HETATM 38  O O17  B I6W A 1 1  ? -6.13762 7.64629   12.17747 0.678 14.14516 ? 1   I6W A O17  1 
HETATM 39  H H051 A I6W A 1 1  ? -5.62059 4.38846   6.13226  0.322 9.50859  ? 1   I6W A H051 1 
HETATM 40  H H051 B I6W A 1 1  ? -5.48588 5.38892   6.32295  0.678 8.35204  ? 1   I6W A H051 1 
HETATM 41  H H041 A I6W A 1 1  ? -5.02215 4.03610   3.70641  0.322 10.18415 ? 1   I6W A H041 1 
HETATM 42  H H041 B I6W A 1 1  ? -5.09234 4.56506   3.98751  0.678 8.19152  ? 1   I6W A H041 1 
HETATM 43  H H061 A I6W A 1 1  ? -3.68671 8.14022   3.67445  0.322 8.48369  ? 1   I6W A H061 1 
HETATM 44  H H061 B I6W A 1 1  ? -3.56425 8.49626   3.06733  0.678 7.27726  ? 1   I6W A H061 1 
HETATM 45  H H111 A I6W A 1 1  ? -6.54054 4.76082   10.05100 0.322 11.64515 ? 1   I6W A H111 1 
HETATM 46  H H111 B I6W A 1 1  ? -6.07617 6.19763   10.05404 0.678 12.64947 ? 1   I6W A H111 1 
HETATM 47  H H152 A I6W A 1 1  ? -5.90032 6.99414   14.27763 0.322 14.48793 ? 1   I6W A H152 1 
HETATM 48  H H152 B I6W A 1 1  ? -4.41131 8.76640   13.93971 0.678 20.66131 ? 1   I6W A H152 1 
HETATM 49  H H151 A I6W A 1 1  ? -7.13113 8.21754   13.92636 0.322 14.48793 ? 1   I6W A H151 1 
HETATM 50  H H151 B I6W A 1 1  ? -5.99897 9.54248   13.82994 0.678 20.66131 ? 1   I6W A H151 1 
HETATM 51  H H162 A I6W A 1 1  ? -5.26360 9.98624   14.04091 0.322 15.40964 ? 1   I6W A H162 1 
HETATM 52  H H162 B I6W A 1 1  ? -4.82269 11.75886  13.36074 0.678 23.18987 ? 1   I6W A H162 1 
HETATM 53  H H163 A I6W A 1 1  ? -4.19453 8.68153   14.68747 0.322 15.40964 ? 1   I6W A H163 1 
HETATM 54  H H163 B I6W A 1 1  ? -3.25423 10.92475  13.68846 0.678 23.18987 ? 1   I6W A H163 1 
HETATM 55  H H161 A I6W A 1 1  ? -5.66175 9.18786   15.61167 0.322 15.40964 ? 1   I6W A H161 1 
HETATM 56  H H161 B I6W A 1 1  ? -4.47994 11.09318  15.00470 0.678 23.18987 ? 1   I6W A H161 1 
HETATM 57  H H181 A I6W A 1 1  ? -5.12408 8.78171   10.13808 0.322 9.07425  ? 1   I6W A H181 1 
HETATM 58  H H181 B I6W A 1 1  ? -4.50332 10.13221  9.62562  0.678 13.84770 ? 1   I6W A H181 1 
HETATM 59  H H191 A I6W A 1 1  ? -4.59206 8.56338   7.70009  0.322 8.41016  ? 1   I6W A H191 1 
HETATM 60  H H191 B I6W A 1 1  ? -4.15354 9.66756   7.18330  0.678 12.33818 ? 1   I6W A H191 1 
ATOM   61  N N    . LEU A 1 2  ? -3.68889 6.87015   1.05188  1.000 4.80887  ? 2   LEU A N    1 
ATOM   62  C CA   . LEU A 1 2  ? -3.37338 6.34104   -0.24888 1.000 3.96513  ? 2   LEU A CA   1 
ATOM   63  C C    . LEU A 1 2  ? -2.10026 5.48626   -0.22325 1.000 3.41502  ? 2   LEU A C    1 
ATOM   64  O O    . LEU A 1 2  ? -2.04741 4.44896   -0.88824 1.000 3.55861  ? 2   LEU A O    1 
ATOM   65  C CB   . LEU A 1 2  ? -3.23228 7.51709   -1.21054 1.000 4.59940  ? 2   LEU A CB   1 
ATOM   66  C CG   . LEU A 1 2  ? -2.83558 7.14836   -2.63480 1.000 5.35270  ? 2   LEU A CG   1 
ATOM   67  C CD1  . LEU A 1 2  ? -3.83755 6.21284   -3.29586 1.000 6.16950  ? 2   LEU A CD1  1 
ATOM   68  C CD2  . LEU A 1 2  ? -2.66504 8.39928   -3.47760 1.000 6.99564  ? 2   LEU A CD2  1 
ATOM   69  H H1   . LEU A 1 2  ? -3.86468 7.71239   1.05764  1.000 5.77600  ? 2   LEU A H1   1 
ATOM   70  H HA   . LEU A 1 2  ? -4.07947 5.75329   -0.56014 1.000 4.76351  ? 2   LEU A HA   1 
ATOM   71  H HB2  . LEU A 1 2  ? -4.08465 7.97780   -1.25655 1.000 5.52464  ? 2   LEU A HB2  1 
ATOM   72  H HB3  . LEU A 1 2  ? -2.55064 8.11425   -0.86462 1.000 5.52464  ? 2   LEU A HB3  1 
ATOM   73  H HG   . LEU A 1 2  ? -1.99061 6.67436   -2.58742 1.000 6.42860  ? 2   LEU A HG   1 
ATOM   74  H HD11 . LEU A 1 2  ? -3.54561 6.02671   -4.20196 1.000 7.40876  ? 2   LEU A HD11 1 
ATOM   75  H HD12 . LEU A 1 2  ? -3.88304 5.38827   -2.78702 1.000 7.40876  ? 2   LEU A HD12 1 
ATOM   76  H HD13 . LEU A 1 2  ? -4.70774 6.64117   -3.31012 1.000 7.40876  ? 2   LEU A HD13 1 
ATOM   77  H HD21 . LEU A 1 2  ? -2.40176 8.14198   -4.37502 1.000 8.40013  ? 2   LEU A HD21 1 
ATOM   78  H HD22 . LEU A 1 2  ? -3.50765 8.87903   -3.50482 1.000 8.40013  ? 2   LEU A HD22 1 
ATOM   79  H HD23 . LEU A 1 2  ? -1.97926 8.95758   -3.07896 1.000 8.40013  ? 2   LEU A HD23 1 
HETATM 80  N N    . AIB A 1 3  ? -1.08269 5.91409   0.52821  1.000 3.44767  ? 3   AIB A N    1 
HETATM 81  C CA   . AIB A 1 3  ? 0.17132  5.17397   0.55221  1.000 3.47307  ? 3   AIB A CA   1 
HETATM 82  C C    . AIB A 1 3  ? -0.09953 3.70085   0.92015  1.000 3.43115  ? 3   AIB A C    1 
HETATM 83  O O    . AIB A 1 3  ? 0.42071  2.77285   0.29752  1.000 3.84354  ? 3   AIB A O    1 
HETATM 84  C CB1  . AIB A 1 3  ? 0.87247  5.25595   -0.82026 1.000 4.06722  ? 3   AIB A CB1  1 
HETATM 85  C CB2  . AIB A 1 3  ? 1.09798  5.74498   1.62810  1.000 3.99825  ? 3   AIB A CB2  1 
HETATM 86  H H    . AIB A 1 3  ? -0.95197 6.85937   0.83046  1.000 4.14256  ? 3   AIB A H    1 
HETATM 87  H HB11 . AIB A 1 3  ? 0.21996  4.80258   -1.60394 1.000 4.88602  ? 3   AIB A HB11 1 
HETATM 88  H HB12 . AIB A 1 3  ? 1.07001  6.32345   -1.07884 1.000 4.88602  ? 3   AIB A HB12 1 
HETATM 89  H HB13 . AIB A 1 3  ? 1.84041  4.70177   -0.78213 1.000 4.88602  ? 3   AIB A HB13 1 
HETATM 90  H HB21 . AIB A 1 3  ? 1.36883  6.79416   1.35686  1.000 4.80326  ? 3   AIB A HB21 1 
HETATM 91  H HB22 . AIB A 1 3  ? 0.56748  5.73166   2.61099  1.000 4.80326  ? 3   AIB A HB22 1 
HETATM 92  H HB23 . AIB A 1 3  ? 2.02022  5.11742   1.68571  1.000 4.80326  ? 3   AIB A HB23 1 
ATOM   93  N N    A SER A 1 4  ? -0.90795 3.49747   1.95496  0.634 3.46064  ? 4   SER A N    1 
ATOM   94  N N    B SER A 1 4  ? -0.92067 3.48403   1.94403  0.296 3.81124  ? 4   SER A N    1 
ATOM   95  N N    C SER A 1 4  ? -0.92731 3.49551   1.93885  0.070 3.70272  ? 4   SER A N    1 
ATOM   96  C CA   A SER A 1 4  ? -1.22499 2.14658   2.40550  0.634 3.80265  ? 4   SER A CA   1 
ATOM   97  C CA   B SER A 1 4  ? -1.20056 2.12268   2.40032  0.296 4.22164  ? 4   SER A CA   1 
ATOM   98  C CA   C SER A 1 4  ? -1.23089 2.14863   2.41453  0.070 4.04961  ? 4   SER A CA   1 
ATOM   99  C C    A SER A 1 4  ? -1.96986 1.34337   1.33679  0.634 3.60718  ? 4   SER A C    1 
ATOM   100 C C    B SER A 1 4  ? -2.01709 1.32276   1.37909  0.296 3.76135  ? 4   SER A C    1 
ATOM   101 C C    C SER A 1 4  ? -1.99387 1.33998   1.36376  0.070 3.76999  ? 4   SER A C    1 
ATOM   102 O O    A SER A 1 4  ? -1.69540 0.15358   1.14254  0.634 3.97957  ? 4   SER A O    1 
ATOM   103 O O    B SER A 1 4  ? -1.84717 0.10755   1.25976  0.296 3.85200  ? 4   SER A O    1 
ATOM   104 O O    C SER A 1 4  ? -1.75764 0.14304   1.19610  0.070 3.83332  ? 4   SER A O    1 
ATOM   105 C CB   A SER A 1 4  ? -2.05807 2.19095   3.68723  0.634 5.42352  ? 4   SER A CB   1 
ATOM   106 C CB   B SER A 1 4  ? -1.91219 2.12991   3.76012  0.296 5.28207  ? 4   SER A CB   1 
ATOM   107 C CB   C SER A 1 4  ? -2.03902 2.21427   3.71238  0.070 4.90242  ? 4   SER A CB   1 
ATOM   108 O OG   A SER A 1 4  ? -1.26780 2.64612   4.76790  0.634 6.02114  ? 4   SER A OG   1 
ATOM   109 O OG   B SER A 1 4  ? -3.20551 2.69835   3.67191  0.296 6.12702  ? 4   SER A OG   1 
ATOM   110 O OG   C SER A 1 4  ? -2.34727 0.91555   4.18523  0.070 5.52398  ? 4   SER A OG   1 
ATOM   111 H H    A SER A 1 4  ? -1.28398 4.12218   2.41097  0.634 4.15813  ? 4   SER A H    1 
ATOM   112 H H    B SER A 1 4  ? -1.32439 4.10069   2.38715  0.296 4.57885  ? 4   SER A H    1 
ATOM   113 H H    C SER A 1 4  ? -1.32754 4.12059   2.37326  0.070 4.44863  ? 4   SER A H    1 
ATOM   114 H HA   A SER A 1 4  ? -0.39088 1.68731   2.59050  0.634 4.56854  ? 4   SER A HA   1 
ATOM   115 H HA   B SER A 1 4  ? -0.35094 1.66753   2.50935  0.296 5.07133  ? 4   SER A HA   1 
ATOM   116 H HA   C SER A 1 4  ? -0.39738 1.68606   2.59395  0.070 4.86489  ? 4   SER A HA   1 
ATOM   117 H HB2  A SER A 1 4  ? -2.80434 2.79760   3.56095  0.634 6.51358  ? 4   SER A HB2  1 
ATOM   118 H HB2  B SER A 1 4  ? -1.99368 1.21595   4.07468  0.296 6.34384  ? 4   SER A HB2  1 
ATOM   119 H HB2  C SER A 1 4  ? -1.51720 2.67888   4.38525  0.070 5.88827  ? 4   SER A HB2  1 
ATOM   120 H HB3  A SER A 1 4  ? -2.38506 1.29947   3.88534  0.634 6.51358  ? 4   SER A HB3  1 
ATOM   121 H HB3  B SER A 1 4  ? -1.38447 2.65033   4.38588  0.296 6.34384  ? 4   SER A HB3  1 
ATOM   122 H HB3  C SER A 1 4  ? -2.86584 2.69299   3.54478  0.070 5.88827  ? 4   SER A HB3  1 
ATOM   123 H HG   A SER A 1 4  ? -1.55865 2.32990   5.48971  0.634 7.23073  ? 4   SER A HG   1 
ATOM   124 H HG   B SER A 1 4  ? -3.15101 3.49947   3.42526  0.296 7.35778  ? 4   SER A HG   1 
ATOM   125 H HG   C SER A 1 4  ? -2.70185 0.96316   4.94523  0.070 6.63413  ? 4   SER A HG   1 
HETATM 126 N N    . AIB A 1 5  ? -2.91004 2.00487   0.66684  1.000 3.54895  ? 5   AIB A N    1 
HETATM 127 C CA   . AIB A 1 5  ? -3.71779 1.38389   -0.37591 1.000 3.58232  ? 5   AIB A CA   1 
HETATM 128 C C    . AIB A 1 5  ? -2.81220 0.80811   -1.48193 1.000 3.23049  ? 5   AIB A C    1 
HETATM 129 O O    . AIB A 1 5  ? -3.12295 -0.20013  -2.12778 1.000 3.82579  ? 5   AIB A O    1 
HETATM 130 C CB1  . AIB A 1 5  ? -4.64163 0.29140   0.19904  1.000 4.65434  ? 5   AIB A CB1  1 
HETATM 131 C CB2  . AIB A 1 5  ? -4.60292 2.47080   -1.02190 1.000 4.10045  ? 5   AIB A CB2  1 
HETATM 132 H H    . AIB A 1 5  ? -2.91942 2.99926   0.55227  1.000 4.26410  ? 5   AIB A H    1 
HETATM 133 H HB11 . AIB A 1 5  ? -5.28397 0.72575   1.00166  1.000 5.59056  ? 5   AIB A HB11 1 
HETATM 134 H HB12 . AIB A 1 5  ? -5.29146 -0.11675  -0.61126 1.000 5.59056  ? 5   AIB A HB12 1 
HETATM 135 H HB13 . AIB A 1 5  ? -4.02598 -0.53482  0.62776  1.000 5.59056  ? 5   AIB A HB13 1 
HETATM 136 H HB21 . AIB A 1 5  ? -5.34281 1.98238   -1.70139 1.000 4.92590  ? 5   AIB A HB21 1 
HETATM 137 H HB22 . AIB A 1 5  ? -5.13819 3.03104   -0.21736 1.000 4.92590  ? 5   AIB A HB22 1 
HETATM 138 H HB23 . AIB A 1 5  ? -3.95531 3.16960   -1.60499 1.000 4.92590  ? 5   AIB A HB23 1 
ATOM   139 N N    . LEU A 1 6  ? -1.67817 1.47932   -1.72478 1.000 3.12064  ? 6   LEU A N    1 
ATOM   140 C CA   . LEU A 1 6  ? -0.70867 0.98378   -2.70422 1.000 3.14161  ? 6   LEU A CA   1 
ATOM   141 C C    . LEU A 1 6  ? 0.26468  -0.03637  -2.10428 1.000 3.09434  ? 6   LEU A C    1 
ATOM   142 O O    . LEU A 1 6  ? 0.55476  -1.07226  -2.72977 1.000 3.44817  ? 6   LEU A O    1 
ATOM   143 C CB   . LEU A 1 6  ? 0.07119  2.14694   -3.33374 1.000 3.68073  ? 6   LEU A CB   1 
ATOM   144 C CG   . LEU A 1 6  ? -0.78555 3.17834   -4.06667 1.000 4.59579  ? 6   LEU A CG   1 
ATOM   145 C CD1  . LEU A 1 6  ? 0.10536  4.26840   -4.65514 1.000 5.80299  ? 6   LEU A CD1  1 
ATOM   146 C CD2  . LEU A 1 6  ? -1.62399 2.52611   -5.15495 1.000 5.95190  ? 6   LEU A CD2  1 
ATOM   147 H H    . LEU A 1 6  ? -1.45260 2.21414   -1.33908 1.000 3.75013  ? 6   LEU A H    1 
ATOM   148 H HA   . LEU A 1 6  ? -1.20228 0.52895   -3.40450 1.000 3.77529  ? 6   LEU A HA   1 
ATOM   149 H HB2  . LEU A 1 6  ? 0.54843  2.61245   -2.62915 1.000 4.42223  ? 6   LEU A HB2  1 
ATOM   150 H HB3  . LEU A 1 6  ? 0.70036  1.78193   -3.97547 1.000 4.42223  ? 6   LEU A HB3  1 
ATOM   151 H HG   . LEU A 1 6  ? -1.39925 3.58444   -3.43471 1.000 5.52031  ? 6   LEU A HG   1 
ATOM   152 H HD11 . LEU A 1 6  ? 0.61549  4.67965   -3.93993 1.000 6.96895  ? 6   LEU A HD11 1 
ATOM   153 H HD12 . LEU A 1 6  ? 0.70675  3.86913   -5.30310 1.000 6.96895  ? 6   LEU A HD12 1 
ATOM   154 H HD13 . LEU A 1 6  ? -0.45296 4.93320   -5.08781 1.000 6.96895  ? 6   LEU A HD13 1 
ATOM   155 H HD21 . LEU A 1 6  ? -2.01742 3.21887   -5.70831 1.000 7.14764  ? 6   LEU A HD21 1 
ATOM   156 H HD22 . LEU A 1 6  ? -1.05358 1.95619   -5.69414 1.000 7.14764  ? 6   LEU A HD22 1 
ATOM   157 H HD23 . LEU A 1 6  ? -2.32329 1.99698   -4.74036 1.000 7.14764  ? 6   LEU A HD23 1 
HETATM 158 N N    . AIB A 1 7  ? 0.77573  0.27428   -0.90920 1.000 3.40797  ? 7   AIB A N    1 
HETATM 159 C CA   . AIB A 1 7  ? 1.82317  -0.48927  -0.23961 1.000 3.48376  ? 7   AIB A CA   1 
HETATM 160 C C    . AIB A 1 7  ? 1.40583  -1.94508  0.02993  1.000 3.04273  ? 7   AIB A C    1 
HETATM 161 O O    . AIB A 1 7  ? 2.24687  -2.82766  0.22290  1.000 3.52250  ? 7   AIB A O    1 
HETATM 162 C CB1  . AIB A 1 7  ? 3.13043  -0.48408  -1.05469 1.000 4.49918  ? 7   AIB A CB1  1 
HETATM 163 C CB2  . AIB A 1 7  ? 2.08147  0.12896   1.14714  1.000 4.66718  ? 7   AIB A CB2  1 
HETATM 164 H H    . AIB A 1 7  ? 0.76476  1.20081   -0.53053 1.000 4.09493  ? 7   AIB A H    1 
HETATM 165 H HB11 . AIB A 1 7  ? 3.93051  -1.01535  -0.48627 1.000 5.40438  ? 7   AIB A HB11 1 
HETATM 166 H HB12 . AIB A 1 7  ? 2.96771  -1.00085  -2.03035 1.000 5.40438  ? 7   AIB A HB12 1 
HETATM 167 H HB13 . AIB A 1 7  ? 3.45124  0.56776   -1.24485 1.000 5.40438  ? 7   AIB A HB13 1 
HETATM 168 H HB21 . AIB A 1 7  ? 2.74647  -0.55187  1.73189  1.000 5.60597  ? 7   AIB A HB21 1 
HETATM 169 H HB22 . AIB A 1 7  ? 2.57492  1.12261   1.01734  1.000 5.60597  ? 7   AIB A HB22 1 
HETATM 170 H HB23 . AIB A 1 7  ? 1.10656  0.25539   1.67747  1.000 5.60597  ? 7   AIB A HB23 1 
ATOM   171 N N    . GLN A 1 8  ? 0.08979  -2.20263  0.04502  1.000 2.94652  ? 8   GLN A N    1 
ATOM   172 C CA   . GLN A 1 8  ? -0.38715 -3.56045  0.27090  1.000 2.87424  ? 8   GLN A CA   1 
ATOM   173 C C    . GLN A 1 8  ? 0.21762  -4.55553  -0.72692 1.000 2.59698  ? 8   GLN A C    1 
ATOM   174 O O    . GLN A 1 8  ? 0.30804  -5.74860  -0.42092 1.000 3.02826  ? 8   GLN A O    1 
ATOM   175 C CB   . GLN A 1 8  ? -1.91587 -3.62739  0.20405  1.000 2.83709  ? 8   GLN A CB   1 
ATOM   176 C CG   . GLN A 1 8  ? -2.49245 -3.34093  -1.18147 1.000 2.80051  ? 8   GLN A CG   1 
ATOM   177 C CD   . GLN A 1 8  ? -3.99111 -3.54524  -1.24640 1.000 2.64128  ? 8   GLN A CD   1 
ATOM   178 O OE1  . GLN A 1 8  ? -4.51506 -4.60164  -0.86981 1.000 3.05615  ? 8   GLN A OE1  1 
ATOM   179 N NE2  . GLN A 1 8  ? -4.69234 -2.54912  -1.75964 1.000 3.53417  ? 8   GLN A NE2  1 
ATOM   180 H H    . GLN A 1 8  ? -0.52807 -1.61582  -0.07125 1.000 3.54119  ? 8   GLN A H    1 
ATOM   181 H HA   . GLN A 1 8  ? -0.11000 -3.82655  1.16155  1.000 3.45445  ? 8   GLN A HA   1 
ATOM   182 H HB2  . GLN A 1 8  ? -2.19930 -4.51823  0.46283  1.000 3.40987  ? 8   GLN A HB2  1 
ATOM   183 H HB3  . GLN A 1 8  ? -2.28254 -2.97135  0.81730  1.000 3.40987  ? 8   GLN A HB3  1 
ATOM   184 H HG2  . GLN A 1 8  ? -2.30504 -2.41888  -1.41729 1.000 3.36597  ? 8   GLN A HG2  1 
ATOM   185 H HG3  . GLN A 1 8  ? -2.08023 -3.93830  -1.82499 1.000 3.36597  ? 8   GLN A HG3  1 
ATOM   186 H HE21 . GLN A 1 8  ? -4.29302 -1.83810  -2.03276 1.000 4.24636  ? 8   GLN A HE21 1 
ATOM   187 H HE22 . GLN A 1 8  ? -5.54788 -2.61208  -1.82045 1.000 4.24636  ? 8   GLN A HE22 1 
HETATM 188 N N    . AIB A 1 9  ? 0.61007  -4.07793  -1.91608 1.000 2.72394  ? 9   AIB A N    1 
HETATM 189 C CA   . AIB A 1 9  ? 1.23744  -4.91039  -2.93875 1.000 2.80320  ? 9   AIB A CA   1 
HETATM 190 C C    . AIB A 1 9  ? 2.46486  -5.67985  -2.39492 1.000 3.21037  ? 9   AIB A C    1 
HETATM 191 O O    . AIB A 1 9  ? 2.83899  -6.73189  -2.91373 1.000 3.99155  ? 9   AIB A O    1 
HETATM 192 C CB1  . AIB A 1 9  ? 0.23111  -5.92294  -3.51966 1.000 3.38354  ? 9   AIB A CB1  1 
HETATM 193 C CB2  . AIB A 1 9  ? 1.76010  -3.97945  -4.04300 1.000 3.32931  ? 9   AIB A CB2  1 
HETATM 194 H H    . AIB A 1 9  ? 0.83576  -3.11721  -2.08366 1.000 3.27409  ? 9   AIB A H    1 
HETATM 195 H HB11 . AIB A 1 9  ? -0.65839 -5.38154  -3.92104 1.000 4.06561  ? 9   AIB A HB11 1 
HETATM 196 H HB12 . AIB A 1 9  ? 0.71234  -6.50116  -4.34401 1.000 4.06561  ? 9   AIB A HB12 1 
HETATM 197 H HB13 . AIB A 1 9  ? -0.09784 -6.62796  -2.71954 1.000 4.06561  ? 9   AIB A HB13 1 
HETATM 198 H HB21 . AIB A 1 9  ? 2.53519  -3.30077  -3.61134 1.000 4.00053  ? 9   AIB A HB21 1 
HETATM 199 H HB22 . AIB A 1 9  ? 2.20785  -4.59693  -4.85903 1.000 4.00053  ? 9   AIB A HB22 1 
HETATM 200 H HB23 . AIB A 1 9  ? 0.90962  -3.37737  -4.44533 1.000 4.00053  ? 9   AIB A HB23 1 
ATOM   201 N N    A LEU A 1 10 ? 3.11211  -5.14567  -1.36743 0.477 3.00104  ? 10  LEU A N    1 
ATOM   202 N N    B LEU A 1 10 ? 3.09478  -5.06035  -1.38141 0.523 3.63441  ? 10  LEU A N    1 
ATOM   203 C CA   A LEU A 1 10 ? 4.29199  -5.80227  -0.81384 0.477 3.35259  ? 10  LEU A CA   1 
ATOM   204 C CA   B LEU A 1 10 ? 4.31951  -5.53820  -0.72224 0.523 4.29039  ? 10  LEU A CA   1 
ATOM   205 C C    A LEU A 1 10 ? 3.99343  -6.59654  0.46800  0.477 2.69568  ? 10  LEU A C    1 
ATOM   206 C C    B LEU A 1 10 ? 4.03532  -6.01614  0.70333  0.523 4.56875  ? 10  LEU A C    1 
ATOM   207 O O    A LEU A 1 10 ? 4.90151  -7.18514  1.06270  0.477 2.70268  ? 10  LEU A O    1 
ATOM   208 O O    B LEU A 1 10 ? 4.94396  -6.31622  1.47557  0.523 5.99303  ? 10  LEU A O    1 
ATOM   209 C CB   A LEU A 1 10 ? 5.39110  -4.76619  -0.56946 0.477 3.19572  ? 10  LEU A CB   1 
ATOM   210 C CB   B LEU A 1 10 ? 5.35708  -4.41713  -0.63718 0.523 4.21299  ? 10  LEU A CB   1 
ATOM   211 C CG   A LEU A 1 10 ? 5.71434  -3.91286  -1.80506 0.477 3.03239  ? 10  LEU A CG   1 
ATOM   212 C CG   B LEU A 1 10 ? 5.82221  -3.82874  -1.97175 0.523 4.16383  ? 10  LEU A CG   1 
ATOM   213 C CD1  A LEU A 1 10 ? 6.77121  -2.86970  -1.46763 0.477 4.04986  ? 10  LEU A CD1  1 
ATOM   214 C CD1  B LEU A 1 10 ? 6.80185  -2.68716  -1.74035 0.523 4.89316  ? 10  LEU A CD1  1 
ATOM   215 C CD2  A LEU A 1 10 ? 6.14624  -4.77798  -2.98719 0.477 3.57361  ? 10  LEU A CD2  1 
ATOM   216 C CD2  B LEU A 1 10 ? 6.45302  -4.90644  -2.83716 0.523 4.59025  ? 10  LEU A CD2  1 
ATOM   217 H H    A LEU A 1 10 ? 2.89170  -4.41209  -0.97643 0.477 3.60661  ? 10  LEU A H    1 
ATOM   218 H H    B LEU A 1 10 ? 2.81622  -4.32168  -1.04028 0.523 4.36665  ? 10  LEU A H    1 
ATOM   219 H HA   A LEU A 1 10 ? 4.61193  -6.45296  -1.45815 0.477 4.02846  ? 10  LEU A HA   1 
ATOM   220 H HA   B LEU A 1 10 ? 4.67227  -6.27403  -1.24667 0.523 5.15383  ? 10  LEU A HA   1 
ATOM   221 H HB2  A LEU A 1 10 ? 5.10467  -4.16840  0.13871  0.477 3.84023  ? 10  LEU A HB2  1 
ATOM   222 H HB2  B LEU A 1 10 ? 4.97504  -3.69033  -0.12073 0.523 5.06095  ? 10  LEU A HB2  1 
ATOM   223 H HB3  A LEU A 1 10 ? 6.20237  -5.22801  -0.30591 0.477 3.84023  ? 10  LEU A HB3  1 
ATOM   224 H HB3  B LEU A 1 10 ? 6.14283  -4.76605  -0.18799 0.523 5.06095  ? 10  LEU A HB3  1 
ATOM   225 H HG   A LEU A 1 10 ? 4.90919  -3.44650  -2.07914 0.477 3.64423  ? 10  LEU A HG   1 
ATOM   226 H HG   B LEU A 1 10 ? 5.05365  -3.47352  -2.44507 0.523 5.00196  ? 10  LEU A HG   1 
ATOM   227 H HD11 A LEU A 1 10 ? 6.40618  -2.24912  -0.81761 0.477 4.86519  ? 10  LEU A HD11 1 
ATOM   228 H HD11 B LEU A 1 10 ? 7.57882  -3.02815  -1.27029 0.523 5.87716  ? 10  LEU A HD11 1 
ATOM   229 H HD12 A LEU A 1 10 ? 7.54902  -3.31624  -1.09815 0.477 4.86519  ? 10  LEU A HD12 1 
ATOM   230 H HD12 B LEU A 1 10 ? 7.06850  -2.32108  -2.59813 0.523 5.87716  ? 10  LEU A HD12 1 
ATOM   231 H HD13 A LEU A 1 10 ? 7.01595  -2.39477  -2.27723 0.477 4.86519  ? 10  LEU A HD13 1 
ATOM   232 H HD13 B LEU A 1 10 ? 6.36804  -2.00165  -1.20859 0.523 5.87716  ? 10  LEU A HD13 1 
ATOM   233 H HD21 A LEU A 1 10 ? 6.87407  -5.35480  -2.70713 0.477 4.29369  ? 10  LEU A HD21 1 
ATOM   234 H HD21 B LEU A 1 10 ? 7.13587  -5.36491  -2.32293 0.523 5.51366  ? 10  LEU A HD21 1 
ATOM   235 H HD22 A LEU A 1 10 ? 5.39222  -5.31439  -3.27808 0.477 4.29369  ? 10  LEU A HD22 1 
ATOM   236 H HD22 B LEU A 1 10 ? 5.76621  -5.53498  -3.10948 0.523 5.51366  ? 10  LEU A HD22 1 
ATOM   237 H HD23 A LEU A 1 10 ? 6.44033  -4.20142  -3.70967 0.477 4.29369  ? 10  LEU A HD23 1 
ATOM   238 H HD23 B LEU A 1 10 ? 6.85033  -4.49148  -3.61874 0.523 5.51366  ? 10  LEU A HD23 1 
HETATM 239 C C11  A I77 A 1 11 ? 1.91608  -7.14062  5.03599  0.448 4.25675  ? 11  I77 A C11  1 
HETATM 240 C C11  B I77 A 1 11 ? 1.27654  -7.30952  4.79169  0.552 6.01204  ? 11  I77 A C11  1 
HETATM 241 C C12  A I77 A 1 11 ? 1.74565  -8.08623  4.03300  0.448 3.54292  ? 11  I77 A C12  1 
HETATM 242 C C12  B I77 A 1 11 ? 1.30842  -8.35205  3.87448  0.552 5.34063  ? 11  I77 A C12  1 
HETATM 243 C C13  A I77 A 1 11 ? 2.25859  -7.82657  2.63437  0.448 4.13511  ? 11  I77 A C13  1 
HETATM 244 C C13  B I77 A 1 11 ? 1.68328  -8.07657  2.43598  0.552 4.86961  ? 11  I77 A C13  1 
HETATM 245 C C17  A I77 A 1 11 ? 1.10852  -9.28702  4.31262  0.448 3.20688  ? 11  I77 A C17  1 
HETATM 246 C C17  B I77 A 1 11 ? 0.96619  -9.64052  4.25378  0.552 5.72725  ? 11  I77 A C17  1 
HETATM 247 C C18  A I77 A 1 11 ? 0.65572  -9.49620  5.59209  0.448 3.13844  ? 11  I77 A C18  1 
HETATM 248 C C18  B I77 A 1 11 ? 0.61221  -9.84463  5.56193  0.552 4.42363  ? 11  I77 A C18  1 
HETATM 249 C C02  A I77 A 1 11 ? -0.93874 -9.24116  11.92943 0.448 3.09556  ? 11  I77 A C02  1 
HETATM 250 C C02  B I77 A 1 11 ? -0.95514 -9.55565  11.89362 0.552 2.75838  ? 11  I77 A C02  1 
HETATM 251 C C03  A I77 A 1 11 ? -0.45352 -9.05640  10.49093 0.448 4.36920  ? 11  I77 A C03  1 
HETATM 252 C C03  B I77 A 1 11 ? -0.52492 -9.38926  10.44247 0.552 2.55220  ? 11  I77 A C03  1 
HETATM 253 C C04  A I77 A 1 11 ? 0.01797  -7.81624  10.11739 0.448 5.10593  ? 11  I77 A C04  1 
HETATM 254 C C04  B I77 A 1 11 ? -0.13165 -8.12913  10.03960 0.552 3.23480  ? 11  I77 A C04  1 
HETATM 255 C C05  A I77 A 1 11 ? 0.44235  -7.65583  8.82215  0.448 4.12532  ? 11  I77 A C05  1 
HETATM 256 C C05  B I77 A 1 11 ? 0.24235  -7.94497  8.72920  0.552 3.30570  ? 11  I77 A C05  1 
HETATM 257 C C06  A I77 A 1 11 ? -0.48988 -10.09867 9.57725  0.448 5.11508  ? 11  I77 A C06  1 
HETATM 258 C C06  B I77 A 1 11 ? -0.52158 -10.43990 9.53294  0.552 3.54055  ? 11  I77 A C06  1 
HETATM 259 C C08  A I77 A 1 11 ? 0.37593  -8.71822  7.95400  0.448 4.00841  ? 11  I77 A C08  1 
HETATM 260 C C08  B I77 A 1 11 ? 0.21444  -9.01738  7.86914  0.552 3.49546  ? 11  I77 A C08  1 
HETATM 261 C C09  A I77 A 1 11 ? 0.85593  -8.50561  6.54496  0.448 3.75550  ? 11  I77 A C09  1 
HETATM 262 C C09  B I77 A 1 11 ? 0.61527  -8.77330  6.43953  0.552 4.10648  ? 11  I77 A C09  1 
HETATM 263 N N01  A I77 A 1 11 ? -1.48543 -10.52750 12.27614 0.448 2.04799  ? 11  I77 A N01  1 
HETATM 264 N N01  B I77 A 1 11 ? -1.65362 -10.77230 12.23607 0.552 5.58387  ? 11  I77 A N01  1 
HETATM 265 N N07  A I77 A 1 11 ? -0.06945 -9.89687  8.33601  0.448 5.52288  ? 11  I77 A N07  1 
HETATM 266 N N07  B I77 A 1 11 ? -0.15248 -10.22198 8.26844  0.552 3.90216  ? 11  I77 A N07  1 
HETATM 267 N N10  A I77 A 1 11 ? 1.47114  -7.37400  6.25532  0.448 4.57639  ? 11  I77 A N10  1 
HETATM 268 N N10  B I77 A 1 11 ? 0.92622  -7.54591  6.04215  0.552 6.11655  ? 11  I77 A N10  1 
HETATM 269 N N14  A I77 A 1 11 ? 2.33022  -6.42148  2.29079  0.448 4.91571  ? 11  I77 A N14  1 
HETATM 270 N N14  B I77 A 1 11 ? 2.42219  -6.85553  2.21811  0.552 4.53530  ? 11  I77 A N14  1 
HETATM 271 N N15  A I77 A 1 11 ? 2.78733  -6.06036  1.02215  0.448 3.81758  ? 11  I77 A N15  1 
HETATM 272 N N15  B I77 A 1 11 ? 2.72872  -6.55360  0.89353  0.552 4.02767  ? 11  I77 A N15  1 
HETATM 273 O O16  A I77 A 1 11 ? 2.60449  -8.69810  1.89226  0.448 5.65870  ? 11  I77 A O16  1 
HETATM 274 O O16  B I77 A 1 11 ? 1.33896  -8.79328  1.54156  0.552 7.13771  ? 11  I77 A O16  1 
HETATM 275 O O19  A I77 A 1 11 ? -0.88086 -8.35189  12.71491 0.448 3.03231  ? 11  I77 A O19  1 
HETATM 276 O O19  B I77 A 1 11 ? -0.73617 -8.69465  12.68421 0.552 4.33173  ? 11  I77 A O19  1 
HETATM 277 H H111 A I77 A 1 11 ? 2.41539  -6.20966  4.81633  0.448 5.11345  ? 11  I77 A H111 1 
HETATM 278 H H111 B I77 A 1 11 ? 1.53742  -6.30909  4.48296  0.552 7.21980  ? 11  I77 A H111 1 
HETATM 279 H H171 A I77 A 1 11 ? 0.97144  -10.04242 3.53887  0.448 3.85361  ? 11  I77 A H171 1 
HETATM 280 H H171 B I77 A 1 11 ? 0.97816  -10.46193 3.53738  0.552 6.87806  ? 11  I77 A H171 1 
HETATM 281 H H181 A I77 A 1 11 ? 0.14869  -10.42222 5.85507  0.448 3.77149  ? 11  I77 A H181 1 
HETATM 282 H H181 B I77 A 1 11 ? 0.33184  -10.83751 5.90732  0.552 5.31371  ? 11  I77 A H181 1 
HETATM 283 H H041 A I77 A 1 11 ? 0.05211  -7.00217  10.81710 0.448 6.13247  ? 11  I77 A H041 1 
HETATM 284 H H041 B I77 A 1 11 ? -0.11805 -7.31032  10.73446 0.552 3.88712  ? 11  I77 A H041 1 
HETATM 285 H H051 A I77 A 1 11 ? 0.82623  -6.70011  8.48729  0.448 4.95574  ? 11  I77 A H051 1 
HETATM 286 H H051 B I77 A 1 11 ? 0.55459  -6.96878  8.37925  0.552 3.97219  ? 11  I77 A H051 1 
HETATM 287 H H061 A I77 A 1 11 ? -0.85885 -11.07012 9.87508  0.448 6.14345  ? 11  I77 A H061 1 
HETATM 288 H H061 B I77 A 1 11 ? -0.81695 -11.43079 9.84829  0.552 4.25402  ? 11  I77 A H061 1 
HETATM 289 H H011 A I77 A 1 11 ? -1.52887 -11.25882 11.60056 0.448 2.46294  ? 11  I77 A H011 1 
HETATM 290 H H011 B I77 A 1 11 ? -1.82353 -11.46493 11.53821 0.552 6.70600  ? 11  I77 A H011 1 
HETATM 291 H H012 A I77 A 1 11 ? -1.81889 -10.69004 13.21142 0.448 2.46294  ? 11  I77 A H012 1 
HETATM 292 H H012 B I77 A 1 11 ? -1.96375 -10.92632 13.18143 0.552 6.70600  ? 11  I77 A H012 1 
HETATM 293 H H141 A I77 A 1 11 ? 2.05534  -5.71756  2.95482  0.448 5.90421  ? 11  I77 A H141 1 
HETATM 294 H H141 B I77 A 1 11 ? 2.69947  -6.25777  2.97826  0.552 5.44771  ? 11  I77 A H141 1 
HETATM 295 H H2   A I77 A 1 11 ? 2.49937  -5.10543  0.87976  0.448 4.58645  ? 11  I77 A H2   1 
HETATM 296 H H2   B I77 A 1 11 ? 2.16323  -7.10231  0.26646  0.552 4.83856  ? 11  I77 A H2   1 
HETATM 297 N N    . CCN B 2 .  ? 5.52805  1.39428   2.16797  1.000 11.75404 ? 201 CCN A N    1 
HETATM 298 C C1   . CCN B 2 .  ? 5.24545  2.42645   1.80570  1.000 10.22803 ? 201 CCN A C1   1 
HETATM 299 C C2   . CCN B 2 .  ? 4.87176  3.81228   1.32734  1.000 10.83788 ? 201 CCN A C2   1 
HETATM 300 H H21  . CCN B 2 .  ? 4.33179  4.33088   2.10988  1.000 13.01081 ? 201 CCN A H21  1 
HETATM 301 H H22  . CCN B 2 .  ? 4.24523  3.73371   0.44747  1.000 13.01081 ? 201 CCN A H22  1 
HETATM 302 H H23  . CCN B 2 .  ? 5.77076  4.36420   1.08228  1.000 13.01081 ? 201 CCN A H23  1 
HETATM 303 N N    . CCN C 2 .  ? -2.93236 -4.16968  -4.69614 1.000 6.15574  ? 202 CCN A N    1 
HETATM 304 C C1   . CCN C 2 .  ? -2.49135 -3.14134  -4.84343 1.000 4.65489  ? 202 CCN A C1   1 
HETATM 305 C C2   . CCN C 2 .  ? -1.90339 -1.76949  -5.01119 1.000 4.67006  ? 202 CCN A C2   1 
HETATM 306 H H21  . CCN C 2 .  ? -2.56045 -1.03731  -4.55836 1.000 5.60943  ? 202 CCN A H21  1 
HETATM 307 H H22  . CCN C 2 .  ? -1.79194 -1.55106  -6.06607 1.000 5.60943  ? 202 CCN A H22  1 
HETATM 308 H H23  . CCN C 2 .  ? -0.93386 -1.73098  -4.53013 1.000 5.60943  ? 202 CCN A H23  1 
HETATM 309 O O    . HOH D 3 .  ? -7.05403 4.62445   13.29714 1.000 26.82688 ? 301 HOH A O    1 
HETATM 310 O O    . HOH D 3 .  ? 4.03116  -5.03233  3.96862  1.000 30.41848 ? 302 HOH A O    1 
HETATM 311 O O    . HOH D 3 .  ? -2.20590 1.10100   6.98553  1.000 35.43614 ? 303 HOH A O    1 
HETATM 312 O O    . HOH D 3 .  ? 4.10496  -2.99097  2.44088  1.000 19.26642 ? 304 HOH A O    1 
HETATM 313 O O    . HOH D 3 .  ? 4.80832  -0.72535  4.02211  1.000 22.80749 ? 305 HOH A O    1 
HETATM 314 O O    . HOH D 3 .  ? -3.30203 10.89533  4.36625  1.000 21.46133 ? 306 HOH A O    1 
HETATM 315 O O    . HOH D 3 .  ? 1.31708  -3.85943  3.62036  1.000 37.86654 ? 307 HOH A O    1 
HETATM 316 O O    . HOH D 3 .  ? 2.45851  -3.76744  6.49473  1.000 53.48124 ? 308 HOH A O    1 
HETATM 317 O O    . HOH D 3 .  ? -0.96339 10.06900  5.83555  1.000 17.50091 ? 309 HOH A O    1 
HETATM 318 O O    . HOH D 3 .  ? 1.86954  11.30438  6.09881  1.000 20.01863 ? 310 HOH A O    1 
# 
loop_
_atom_site_anisotrop.id 
_atom_site_anisotrop.type_symbol 
_atom_site_anisotrop.pdbx_label_atom_id 
_atom_site_anisotrop.pdbx_label_alt_id 
_atom_site_anisotrop.pdbx_label_comp_id 
_atom_site_anisotrop.pdbx_label_asym_id 
_atom_site_anisotrop.pdbx_label_seq_id 
_atom_site_anisotrop.pdbx_PDB_ins_code 
_atom_site_anisotrop.U[1][1] 
_atom_site_anisotrop.U[2][2] 
_atom_site_anisotrop.U[3][3] 
_atom_site_anisotrop.U[1][2] 
_atom_site_anisotrop.U[1][3] 
_atom_site_anisotrop.U[2][3] 
_atom_site_anisotrop.pdbx_auth_seq_id 
_atom_site_anisotrop.pdbx_auth_comp_id 
_atom_site_anisotrop.pdbx_auth_asym_id 
_atom_site_anisotrop.pdbx_auth_atom_id 
1   C C05 A I6W A 1  ? 0.08594 0.14330 0.07165 0.04414  0.00816  -0.01845 1   I6W A C05 
2   C C05 B I6W A 1  ? 0.05885 0.14452 0.06091 0.03553  0.00877  -0.01039 1   I6W A C05 
3   C C08 A I6W A 1  ? 0.06931 0.14197 0.06539 0.04769  0.00312  -0.01488 1   I6W A C08 
4   C C08 B I6W A 1  ? 0.05908 0.15134 0.06275 0.04242  -0.00052 -0.00899 1   I6W A C08 
5   C C09 A I6W A 1  ? 0.07770 0.15700 0.06226 0.05693  -0.00011 -0.00922 1   I6W A C09 
6   C C09 B I6W A 1  ? 0.08853 0.17715 0.06804 0.06586  -0.00650 -0.01353 1   I6W A C09 
7   N N10 A I6W A 1  ? 0.08822 0.19952 0.08328 0.05072  0.00130  0.00969  1   I6W A N10 
8   N N10 B I6W A 1  ? 0.10679 0.20414 0.08084 0.07647  -0.01152 -0.00511 1   I6W A N10 
9   C C02 A I6W A 1  ? 0.02273 0.07600 0.05449 -0.00090 -0.00335 -0.02072 1   I6W A C02 
10  C C02 B I6W A 1  ? 0.06392 0.11726 0.06853 0.02336  0.00306  -0.01135 1   I6W A C02 
11  C C03 A I6W A 1  ? 0.06461 0.13533 0.07137 0.02664  0.01287  -0.03068 1   I6W A C03 
12  C C03 B I6W A 1  ? 0.03529 0.11588 0.06265 0.02001  -0.00153 -0.01009 1   I6W A C03 
13  C C04 A I6W A 1  ? 0.09138 0.14703 0.08388 0.03585  0.01369  -0.01771 1   I6W A C04 
14  C C04 B I6W A 1  ? 0.05245 0.14200 0.06473 0.03337  0.00223  -0.01118 1   I6W A C04 
15  C C06 A I6W A 1  ? 0.06992 0.13960 0.05893 0.03776  0.00744  -0.01375 1   I6W A C06 
16  C C06 B I6W A 1  ? 0.04158 0.13143 0.05724 0.02149  -0.00923 -0.02083 1   I6W A C06 
17  C C11 A I6W A 1  ? 0.08620 0.20029 0.08206 0.04946  -0.00485 0.00347  1   I6W A C11 
18  C C11 B I6W A 1  ? 0.11726 0.19886 0.08424 0.08488  -0.01222 -0.02014 1   I6W A C11 
19  C C12 A I6W A 1  ? 0.07269 0.16194 0.07890 0.05421  -0.00100 -0.00681 1   I6W A C12 
20  C C12 B I6W A 1  ? 0.11187 0.22961 0.09051 0.08192  -0.01808 -0.03123 1   I6W A C12 
21  C C13 A I6W A 1  ? 0.08565 0.20198 0.09143 0.06364  -0.00202 -0.00607 1   I6W A C13 
22  C C13 B I6W A 1  ? 0.14330 0.26183 0.11398 0.10368  -0.00709 -0.02680 1   I6W A C13 
23  C C15 A I6W A 1  ? 0.11048 0.22272 0.12536 0.08029  -0.00563 -0.00895 1   I6W A C15 
24  C C15 B I6W A 1  ? 0.18953 0.32282 0.14169 0.09731  0.02605  -0.04532 1   I6W A C15 
25  C C16 A I6W A 1  ? 0.12774 0.22789 0.13211 0.08242  -0.00762 -0.00566 1   I6W A C16 
26  C C16 B I6W A 1  ? 0.22240 0.36358 0.14812 0.08724  0.02499  -0.03830 1   I6W A C16 
27  C C18 A I6W A 1  ? 0.08161 0.14992 0.05561 0.05749  -0.00929 -0.02257 1   I6W A C18 
28  C C18 B I6W A 1  ? 0.10872 0.22930 0.10027 0.07408  -0.00587 -0.03902 1   I6W A C18 
29  C C19 A I6W A 1  ? 0.08168 0.13608 0.04834 0.05823  -0.01216 -0.01845 1   I6W A C19 
30  C C19 B I6W A 1  ? 0.09785 0.21252 0.08013 0.06430  -0.01150 -0.04153 1   I6W A C19 
31  N N07 A I6W A 1  ? 0.07650 0.14421 0.05241 0.04774  0.00250  -0.01481 1   I6W A N07 
32  N N07 B I6W A 1  ? 0.05350 0.14152 0.06473 0.03139  -0.00119 -0.01951 1   I6W A N07 
33  O O01 A I6W A 1  ? 0.03630 0.05703 0.06102 -0.01214 -0.00421 0.00539  1   I6W A O01 
34  O O01 B I6W A 1  ? 0.05149 0.12218 0.04805 -0.00522 0.00099  -0.00260 1   I6W A O01 
35  O O14 A I6W A 1  ? 0.09784 0.21213 0.09694 0.06983  -0.01800 -0.01677 1   I6W A O14 
36  O O14 B I6W A 1  ? 0.16501 0.30741 0.11638 0.09564  0.00445  -0.04378 1   I6W A O14 
37  O O17 A I6W A 1  ? 0.08933 0.22207 0.09541 0.05314  -0.00040 0.00991  1   I6W A O17 
38  O O17 B I6W A 1  ? 0.19894 0.24343 0.09507 0.12949  -0.02375 -0.02870 1   I6W A O17 
61  N N   . LEU A 2  ? 0.04695 0.06834 0.06743 0.01772  -0.00532 -0.01396 2   LEU A N   
62  C CA  . LEU A 2  ? 0.04383 0.04429 0.06254 0.00308  -0.00994 -0.00790 2   LEU A CA  
63  C C   . LEU A 2  ? 0.04261 0.03872 0.04842 -0.00113 -0.00377 0.00062  2   LEU A C   
64  O O   . LEU A 2  ? 0.04772 0.03613 0.05135 -0.00250 -0.00303 -0.00337 2   LEU A O   
65  C CB  . LEU A 2  ? 0.04915 0.03834 0.08727 -0.00097 -0.00887 0.00362  2   LEU A CB  
66  C CG  . LEU A 2  ? 0.06498 0.04629 0.09210 -0.00473 0.00176  0.02052  2   LEU A CG  
67  C CD1 . LEU A 2  ? 0.09601 0.07349 0.06492 -0.01732 -0.01332 0.02294  2   LEU A CD1 
68  C CD2 . LEU A 2  ? 0.07377 0.06313 0.12890 -0.00157 0.00211  0.04475  2   LEU A CD2 
80  N N   . AIB A 3  ? 0.03765 0.03882 0.05453 -0.00424 -0.00058 -0.00486 3   AIB A N   
81  C CA  . AIB A 3  ? 0.04001 0.03980 0.05215 -0.00176 0.00288  -0.00424 3   AIB A CA  
82  C C   . AIB A 3  ? 0.04192 0.03930 0.04915 -0.00001 0.00061  -0.00524 3   AIB A C   
83  O O   . AIB A 3  ? 0.04766 0.03863 0.05974 -0.00306 0.00613  -0.00157 3   AIB A O   
84  C CB1 . AIB A 3  ? 0.05085 0.04094 0.06274 -0.00862 0.01464  -0.00344 3   AIB A CB1 
85  C CB2 . AIB A 3  ? 0.04008 0.04608 0.06575 -0.00079 -0.00524 -0.01010 3   AIB A CB2 
93  N N   A SER A 4  ? 0.04864 0.04283 0.04002 -0.00374 -0.00326 0.00377  4   SER A N   
94  N N   B SER A 4  ? 0.04559 0.05006 0.04915 -0.00277 0.00898  -0.00275 4   SER A N   
95  N N   C SER A 4  ? 0.05010 0.04008 0.05051 -0.00187 0.00465  -0.00425 4   SER A N   
96  C CA  A SER A 4  ? 0.06071 0.04922 0.03454 -0.00622 -0.00539 0.00742  4   SER A CA  
97  C CA  B SER A 4  ? 0.05505 0.05918 0.04618 -0.00210 0.01367  0.00380  4   SER A CA  
98  C CA  C SER A 4  ? 0.05874 0.04353 0.05159 -0.00274 0.00804  -0.00109 4   SER A CA  
99  C C   A SER A 4  ? 0.04683 0.04919 0.04103 -0.01011 0.00763  0.00750  4   SER A C   
100 C C   B SER A 4  ? 0.04970 0.04507 0.04815 -0.00848 0.01228  0.00588  4   SER A C   
101 C C   C SER A 4  ? 0.05215 0.04231 0.04880 -0.00604 0.00756  0.00281  4   SER A C   
102 O O   A SER A 4  ? 0.05298 0.05002 0.04821 -0.01071 0.00830  0.00993  4   SER A O   
103 O O   B SER A 4  ? 0.06830 0.03184 0.04623 -0.01174 0.00982  0.00962  4   SER A O   
104 O O   C SER A 4  ? 0.05540 0.04071 0.04954 -0.00685 0.00762  0.00440  4   SER A O   
105 C CB  A SER A 4  ? 0.10386 0.06489 0.03733 -0.01871 0.00493  0.00695  4   SER A CB  
106 C CB  B SER A 4  ? 0.08093 0.07852 0.04124 -0.00337 0.01958  0.00825  4   SER A CB  
107 C CB  C SER A 4  ? 0.07706 0.05289 0.05632 -0.00369 0.01256  0.00000  4   SER A CB  
108 O OG  A SER A 4  ? 0.11234 0.07491 0.04153 -0.00816 0.00129  0.00916  4   SER A OG  
109 O OG  B SER A 4  ? 0.08579 0.09511 0.05190 -0.00618 0.03533  0.01191  4   SER A OG  
110 O OG  C SER A 4  ? 0.08983 0.05989 0.06017 -0.00401 0.01480  -0.00019 4   SER A OG  
126 N N   . AIB A 5  ? 0.04735 0.04325 0.04424 -0.00786 0.00607  0.00405  5   AIB A N   
127 C CA  . AIB A 5  ? 0.04275 0.03991 0.05345 -0.00883 0.00416  0.00051  5   AIB A CA  
128 C C   . AIB A 5  ? 0.04275 0.03451 0.04548 -0.00596 -0.00010 0.00588  5   AIB A C   
129 O O   . AIB A 5  ? 0.04891 0.03655 0.05990 -0.00878 0.00340  0.00032  5   AIB A O   
130 C CB1 . AIB A 5  ? 0.05085 0.06070 0.06529 -0.02163 0.01658  0.00240  5   AIB A CB1 
131 C CB2 . AIB A 5  ? 0.03834 0.05529 0.06216 -0.00364 -0.00199 -0.00783 5   AIB A CB2 
139 N N   . LEU A 6  ? 0.03920 0.03592 0.04345 -0.00653 0.00350  0.00293  6   LEU A N   
140 C CA  . LEU A 6  ? 0.04515 0.03767 0.03656 -0.00734 0.00211  0.00430  6   LEU A CA  
141 C C   . LEU A 6  ? 0.04030 0.03605 0.04122 -0.00545 0.00383  0.00390  6   LEU A C   
142 O O   . LEU A 6  ? 0.04947 0.03916 0.04239 -0.00201 0.00569  0.00059  6   LEU A O   
143 C CB  . LEU A 6  ? 0.04969 0.04509 0.04507 -0.00997 0.01157  0.00445  6   LEU A CB  
144 C CG  . LEU A 6  ? 0.07123 0.04997 0.05342 -0.00214 0.01113  0.01673  6   LEU A CG  
145 C CD1 . LEU A 6  ? 0.09907 0.06183 0.05958 -0.01161 0.01339  0.02074  6   LEU A CD1 
146 C CD2 . LEU A 6  ? 0.07711 0.08111 0.06792 -0.00528 -0.00922 0.02949  6   LEU A CD2 
158 N N   . AIB A 7  ? 0.04437 0.03897 0.04614 -0.00071 0.00079  -0.00108 7   AIB A N   
159 C CA  . AIB A 7  ? 0.03720 0.04431 0.05085 -0.00317 -0.00516 -0.00169 7   AIB A CA  
160 C C   . AIB A 7  ? 0.03373 0.04588 0.03600 -0.00309 -0.00337 0.00106  7   AIB A C   
161 O O   . AIB A 7  ? 0.03933 0.04944 0.04507 0.00085  -0.00672 0.00284  7   AIB A O   
162 C CB1 . AIB A 7  ? 0.04023 0.05121 0.07950 -0.00579 0.00439  0.00263  7   AIB A CB1 
163 C CB2 . AIB A 7  ? 0.05902 0.05307 0.06525 0.00291  -0.02217 -0.01264 7   AIB A CB2 
171 N N   . GLN A 8  ? 0.03160 0.04327 0.03708 0.00012  -0.00033 0.00108  8   GLN A N   
172 C CA  . GLN A 8  ? 0.03410 0.04516 0.02994 0.00174  0.00185  0.00622  8   GLN A CA  
173 C C   . GLN A 8  ? 0.02755 0.03979 0.03133 -0.00061 0.00002  0.00483  8   GLN A C   
174 O O   . GLN A 8  ? 0.03161 0.04353 0.03992 0.00176  0.00140  0.01277  8   GLN A O   
175 C CB  . GLN A 8  ? 0.03184 0.04305 0.03291 0.00079  0.00529  0.00535  8   GLN A CB  
176 C CG  . GLN A 8  ? 0.03091 0.03970 0.03580 -0.00136 0.00024  0.00881  8   GLN A CG  
177 C CD  . GLN A 8  ? 0.03443 0.02971 0.03622 0.00030  0.00017  0.00336  8   GLN A CD  
178 O OE1 . GLN A 8  ? 0.04141 0.03617 0.03854 -0.00479 0.00332  0.00727  8   GLN A OE1 
179 N NE2 . GLN A 8  ? 0.03488 0.03423 0.06517 -0.00272 -0.00749 0.01385  8   GLN A NE2 
188 N N   . AIB A 9  ? 0.02967 0.04075 0.03307 0.00079  0.00183  0.00946  9   AIB A N   
189 C CA  . AIB A 9  ? 0.03478 0.04203 0.02970 0.00168  0.00302  0.00629  9   AIB A CA  
190 C C   . AIB A 9  ? 0.03375 0.05385 0.03438 0.00768  0.00739  0.01395  9   AIB A C   
191 O O   . AIB A 9  ? 0.04787 0.05429 0.04951 0.01544  0.00863  0.00758  9   AIB A O   
192 C CB1 . AIB A 9  ? 0.04197 0.04734 0.03925 -0.00063 -0.00013 0.00218  9   AIB A CB1 
193 C CB2 . AIB A 9  ? 0.04244 0.05290 0.03114 0.00440  0.00500  0.01360  9   AIB A CB2 
201 N N   A LEU A 10 ? 0.03839 0.05178 0.02386 0.00985  0.00023  0.00979  10  LEU A N   
202 N N   B LEU A 10 ? 0.02760 0.07248 0.03801 0.00756  0.01099  0.01701  10  LEU A N   
203 C CA  A LEU A 10 ? 0.03427 0.06153 0.03158 0.00681  0.00464  0.01695  10  LEU A CA  
204 C CA  B LEU A 10 ? 0.03125 0.08980 0.04196 0.01663  0.00852  0.02443  10  LEU A CA  
205 C C   A LEU A 10 ? 0.03406 0.04037 0.02799 -0.00249 -0.00174 0.01357  10  LEU A C   
206 C C   B LEU A 10 ? 0.03141 0.09781 0.04437 0.00000  0.00372  0.02410  10  LEU A C   
207 O O   A LEU A 10 ? 0.03087 0.03613 0.03569 -0.00019 -0.00104 0.01778  10  LEU A O   
208 O O   B LEU A 10 ? 0.04602 0.12875 0.05295 0.00508  0.00120  0.03901  10  LEU A O   
209 C CB  A LEU A 10 ? 0.03499 0.05920 0.02723 0.00245  -0.00130 0.02012  10  LEU A CB  
210 C CB  B LEU A 10 ? 0.03066 0.08563 0.04379 0.01459  0.00144  0.02451  10  LEU A CB  
211 C CG  A LEU A 10 ? 0.02940 0.05717 0.02865 0.00040  0.00780  0.00691  10  LEU A CG  
212 C CG  B LEU A 10 ? 0.04356 0.07614 0.03850 0.00841  0.00746  0.01776  10  LEU A CG  
213 C CD1 A LEU A 10 ? 0.05367 0.05941 0.04079 -0.00215 -0.00056 0.01939  10  LEU A CD1 
214 C CD1 B LEU A 10 ? 0.05938 0.08256 0.04398 -0.00405 -0.00280 0.01736  10  LEU A CD1 
215 C CD2 A LEU A 10 ? 0.03934 0.06587 0.03057 -0.00032 0.01524  0.00768  10  LEU A CD2 
216 C CD2 B LEU A 10 ? 0.04498 0.07769 0.05174 0.00053  0.01412  0.01198  10  LEU A CD2 
239 C C11 A I77 A 11 ? 0.06127 0.06512 0.03535 -0.00701 0.00844  0.01818  11  I77 A C11 
240 C C11 B I77 A 11 ? 0.06747 0.08571 0.07524 0.00846  0.01965  0.01493  11  I77 A C11 
241 C C12 A I77 A 11 ? 0.04321 0.05671 0.03470 0.01072  0.01221  0.02092  11  I77 A C12 
242 C C12 B I77 A 11 ? 0.04742 0.09996 0.05554 0.00533  -0.00018 0.01786  11  I77 A C12 
243 C C13 A I77 A 11 ? 0.05760 0.06691 0.03261 0.02234  0.00472  0.01964  11  I77 A C13 
244 C C13 B I77 A 11 ? 0.05253 0.08459 0.04791 0.00085  0.00222  0.02862  11  I77 A C13 
245 C C17 A I77 A 11 ? 0.03852 0.05050 0.03283 0.00765  0.00999  0.02136  11  I77 A C17 
246 C C17 B I77 A 11 ? 0.05917 0.09804 0.06042 -0.00116 -0.00232 0.02464  11  I77 A C17 
247 C C18 A I77 A 11 ? 0.03914 0.04611 0.03400 0.00459  0.01444  0.01170  11  I77 A C18 
248 C C18 B I77 A 11 ? 0.05181 0.06114 0.05512 0.00714  0.00479  0.01435  11  I77 A C18 
249 C C02 A I77 A 11 ? 0.04253 0.03820 0.03690 -0.00097 0.01289  0.00881  11  I77 A C02 
250 C C02 B I77 A 11 ? 0.03992 0.02525 0.03964 0.00797  0.00187  0.00661  11  I77 A C02 
251 C C03 A I77 A 11 ? 0.04908 0.07127 0.04566 -0.00264 0.00779  -0.00139 11  I77 A C03 
252 C C03 B I77 A 11 ? 0.03403 0.03230 0.03064 0.00135  0.01093  0.01591  11  I77 A C03 
253 C C04 A I77 A 11 ? 0.05419 0.08092 0.05890 -0.00857 0.01429  0.01899  11  I77 A C04 
254 C C04 B I77 A 11 ? 0.05335 0.03346 0.03610 -0.00529 0.00831  0.01754  11  I77 A C04 
255 C C05 A I77 A 11 ? 0.04839 0.06262 0.04574 -0.01480 0.00970  0.01594  11  I77 A C05 
256 C C05 B I77 A 11 ? 0.05015 0.04127 0.03418 -0.00787 0.00945  0.01400  11  I77 A C05 
257 C C06 A I77 A 11 ? 0.06701 0.07251 0.05483 -0.01430 0.01171  0.00176  11  I77 A C06 
258 C C06 B I77 A 11 ? 0.04854 0.04580 0.04018 0.00321  0.01428  0.00636  11  I77 A C06 
259 C C08 A I77 A 11 ? 0.03665 0.07095 0.04472 -0.00255 0.00709  0.02106  11  I77 A C08 
260 C C08 B I77 A 11 ? 0.04392 0.05227 0.03662 0.00470  0.00773  0.00762  11  I77 A C08 
261 C C09 A I77 A 11 ? 0.04880 0.06470 0.02921 -0.00830 0.00483  0.01858  11  I77 A C09 
262 C C09 B I77 A 11 ? 0.03886 0.06524 0.05193 0.00959  0.01004  0.01757  11  I77 A C09 
263 N N01 A I77 A 11 ? 0.02859 0.02716 0.02206 -0.00737 0.00994  0.00719  11  I77 A N01 
264 N N01 B I77 A 11 ? 0.07404 0.08116 0.05696 -0.00174 0.00406  0.01062  11  I77 A N01 
265 N N07 A I77 A 11 ? 0.07305 0.07732 0.05948 -0.01165 0.01346  0.01806  11  I77 A N07 
266 N N07 B I77 A 11 ? 0.05363 0.05601 0.03862 0.00710  0.00915  0.00336  11  I77 A N07 
267 N N10 A I77 A 11 ? 0.06195 0.07252 0.03942 -0.01376 0.01257  0.01255  11  I77 A N10 
268 N N10 B I77 A 11 ? 0.07439 0.08110 0.07691 0.01054  0.02517  0.01933  11  I77 A N10 
269 N N14 A I77 A 11 ? 0.06043 0.07874 0.04760 0.00037  0.00841  0.00448  11  I77 A N14 
270 N N14 B I77 A 11 ? 0.03799 0.09371 0.04063 -0.00250 0.00424  0.02810  11  I77 A N14 
271 N N15 A I77 A 11 ? 0.04195 0.06669 0.03640 -0.00212 0.00534  0.00872  11  I77 A N15 
272 N N15 B I77 A 11 ? 0.03134 0.07819 0.04350 -0.00339 0.00043  0.03152  11  I77 A N15 
273 O O16 A I77 A 11 ? 0.10432 0.06777 0.04292 0.04231  0.01906  0.01633  11  I77 A O16 
274 O O16 B I77 A 11 ? 0.10245 0.11187 0.05687 -0.02002 0.02083  0.02332  11  I77 A O16 
275 O O19 A I77 A 11 ? 0.05934 0.02525 0.03062 0.00704  0.01012  0.00465  11  I77 A O19 
276 O O19 B I77 A 11 ? 0.07571 0.03874 0.05013 0.01206  0.01540  0.00629  11  I77 A O19 
297 N N   . CCN B .  ? 0.09791 0.11879 0.22990 -0.01092 -0.01639 0.07009  201 CCN A N   
298 C C1  . CCN B .  ? 0.06834 0.10597 0.21431 -0.00596 0.00173  0.07283  201 CCN A C1  
299 C C2  . CCN B .  ? 0.08833 0.11168 0.21179 0.02620  0.04898  0.07908  201 CCN A C2  
303 N N   . CCN C .  ? 0.09789 0.06879 0.06722 -0.00518 -0.01589 0.02206  202 CCN A N   
304 C C1  . CCN C .  ? 0.06836 0.06567 0.04283 0.00889  -0.01360 0.00706  202 CCN A C1  
305 C C2  . CCN C .  ? 0.05998 0.06493 0.05253 0.00077  -0.01125 -0.00639 202 CCN A C2  
309 O O   . HOH D .  ? 0.14684 0.45938 0.41309 -0.07731 0.01308  0.05525  301 HOH A O   
310 O O   . HOH D .  ? 0.31481 0.49375 0.34721 -0.06297 -0.03356 0.10339  302 HOH A O   
311 O O   . HOH D .  ? 0.68538 0.38679 0.27425 -0.27352 -0.15139 0.08963  303 HOH A O   
312 O O   . HOH D .  ? 0.33566 0.13231 0.26407 -0.04704 -0.17395 0.03825  304 HOH A O   
313 O O   . HOH D .  ? 0.22847 0.44135 0.19678 0.10754  0.07907  0.03274  305 HOH A O   
314 O O   . HOH D .  ? 0.21248 0.18715 0.41580 -0.06229 0.11210  -0.00316 306 HOH A O   
315 O O   . HOH D .  ? 0.66412 0.58223 0.19239 0.06150  -0.07877 0.02913  307 HOH A O   
316 O O   . HOH D .  ? 0.55360 0.76204 0.71640 -0.16311 0.00466  -0.37099 308 HOH A O   
317 O O   . HOH D .  ? 0.40174 0.11041 0.15280 -0.00743 0.10432  -0.00383 309 HOH A O   
318 O O   . HOH D .  ? 0.50234 0.12946 0.12882 0.02941  -0.02395 -0.00255 310 HOH A O   
# 
